data_9C3S
#
_entry.id   9C3S
#
_cell.length_a   137.728
_cell.length_b   137.728
_cell.length_c   167.315
_cell.angle_alpha   90.00
_cell.angle_beta   90.00
_cell.angle_gamma   90.00
#
_symmetry.space_group_name_H-M   'I 41'
#
loop_
_entity.id
_entity.type
_entity.pdbx_description
1 polymer Methyltransferase
2 polymer DNA1
3 polymer DNA2
4 branched beta-D-fructofuranose-(2-1)-alpha-D-glucopyranose
5 non-polymer SINEFUNGIN
6 water water
#
loop_
_entity_poly.entity_id
_entity_poly.type
_entity_poly.pdbx_seq_one_letter_code
_entity_poly.pdbx_strand_id
1 'polypeptide(L)'
;MRDLIEEPGGGAASEAGAVQPAAAVPRALPSGIELHNRDFLTDAAHLPDASIDLIVADPPYGLGKDYGNDSDKRSGDDFL
AWTREWLELAIPKLKPSGSMYIFCTWQYAPEIFSFLKTQLTMVNEIIWDRRVPSMGGTTRRFTSVHDNIGFFAVSRAYYF
DLDPVRIPYDADTKKARSRKLFEGSKWLEMGYNPKDVWSVSRLHRQHAERVDHPTQKPLEIIERMVLASCPPGGRVLDPF
MGSGTTAVACARQGRDFVGYEINESYCAIAHERVNALAAPACA
;
A,B,C,D
2 'polydeoxyribonucleotide' (DT)(DT)(DG)(DT)(DA)(DT)(DA)(DC)(DT)(DA)(DG)(DC)(DC)(DA) E,G,I,K
3 'polydeoxyribonucleotide' (DA)(DT)(DG)(DG)(DC)(DT)(DA)(DG)(DT)(DA)(DT)(DA)(DC)(DA) F,H,J,L
#
loop_
_chem_comp.id
_chem_comp.type
_chem_comp.name
_chem_comp.formula
DA DNA linking 2'-DEOXYADENOSINE-5'-MONOPHOSPHATE 'C10 H14 N5 O6 P'
DC DNA linking 2'-DEOXYCYTIDINE-5'-MONOPHOSPHATE 'C9 H14 N3 O7 P'
DG DNA linking 2'-DEOXYGUANOSINE-5'-MONOPHOSPHATE 'C10 H14 N5 O7 P'
DT DNA linking THYMIDINE-5'-MONOPHOSPHATE 'C10 H15 N2 O8 P'
FRU D-saccharide, beta linking beta-D-fructofuranose 'C6 H12 O6'
GLC D-saccharide, alpha linking alpha-D-glucopyranose 'C6 H12 O6'
SFG non-polymer SINEFUNGIN 'C15 H23 N7 O5'
#
# COMPACT_ATOMS: atom_id res chain seq x y z
N LEU A 29 -19.84 -9.84 -35.28
CA LEU A 29 -19.17 -8.86 -34.45
C LEU A 29 -20.08 -8.36 -33.33
N PRO A 30 -19.49 -7.91 -32.20
CA PRO A 30 -20.28 -7.27 -31.15
C PRO A 30 -21.13 -6.10 -31.63
N SER A 31 -21.68 -5.34 -30.68
CA SER A 31 -22.65 -4.29 -30.98
C SER A 31 -22.03 -3.09 -31.66
N GLY A 32 -21.36 -2.23 -30.89
CA GLY A 32 -20.85 -0.97 -31.42
C GLY A 32 -19.49 -1.08 -32.07
N ILE A 33 -19.28 -2.11 -32.89
CA ILE A 33 -18.00 -2.38 -33.53
C ILE A 33 -18.27 -2.41 -35.04
N GLU A 34 -17.94 -1.33 -35.73
CA GLU A 34 -18.17 -1.16 -37.16
C GLU A 34 -16.84 -1.20 -37.89
N LEU A 35 -16.64 -2.24 -38.70
CA LEU A 35 -15.42 -2.38 -39.51
C LEU A 35 -15.81 -2.16 -40.97
N HIS A 36 -15.30 -1.08 -41.55
CA HIS A 36 -15.56 -0.72 -42.94
C HIS A 36 -14.28 -0.93 -43.74
N ASN A 37 -14.34 -1.86 -44.71
CA ASN A 37 -13.25 -2.03 -45.67
C ASN A 37 -13.41 -1.00 -46.78
N ARG A 38 -13.18 0.26 -46.41
CA ARG A 38 -13.37 1.38 -47.32
C ARG A 38 -12.31 2.43 -47.08
N ASP A 39 -11.81 3.02 -48.16
CA ASP A 39 -10.93 4.17 -48.07
C ASP A 39 -11.59 5.25 -47.21
N PHE A 40 -10.85 5.74 -46.21
CA PHE A 40 -11.45 6.67 -45.26
C PHE A 40 -11.78 8.02 -45.91
N LEU A 41 -11.00 8.45 -46.90
CA LEU A 41 -11.21 9.79 -47.44
C LEU A 41 -12.43 9.87 -48.34
N THR A 42 -12.83 8.76 -48.96
CA THR A 42 -14.07 8.73 -49.72
C THR A 42 -15.28 8.47 -48.85
N ASP A 43 -15.09 7.89 -47.66
CA ASP A 43 -16.20 7.43 -46.82
C ASP A 43 -16.39 8.26 -45.56
N ALA A 44 -15.52 9.22 -45.28
CA ALA A 44 -15.70 10.07 -44.10
C ALA A 44 -17.00 10.84 -44.17
N ALA A 45 -17.43 11.21 -45.39
CA ALA A 45 -18.69 11.91 -45.56
C ALA A 45 -19.84 11.16 -44.90
N HIS A 46 -19.81 9.82 -44.98
CA HIS A 46 -20.88 9.03 -44.40
C HIS A 46 -20.93 9.17 -42.88
N LEU A 47 -19.77 9.28 -42.25
CA LEU A 47 -19.73 9.40 -40.79
C LEU A 47 -20.25 10.77 -40.36
N PRO A 48 -21.25 10.85 -39.48
CA PRO A 48 -21.78 12.16 -39.09
C PRO A 48 -20.78 12.98 -38.30
N ASP A 49 -20.81 14.29 -38.52
CA ASP A 49 -19.96 15.21 -37.77
C ASP A 49 -20.39 15.23 -36.30
N ALA A 50 -19.44 15.62 -35.43
CA ALA A 50 -19.67 15.64 -34.00
C ALA A 50 -20.25 14.31 -33.52
N SER A 51 -19.73 13.22 -34.08
CA SER A 51 -20.18 11.87 -33.74
C SER A 51 -19.21 11.10 -32.87
N ILE A 52 -17.92 11.44 -32.91
CA ILE A 52 -16.86 10.61 -32.34
C ILE A 52 -16.34 11.25 -31.07
N ASP A 53 -16.14 10.42 -30.05
CA ASP A 53 -15.59 10.88 -28.77
C ASP A 53 -14.08 10.90 -28.76
N LEU A 54 -13.44 10.06 -29.56
CA LEU A 54 -11.98 10.00 -29.60
C LEU A 54 -11.55 9.50 -30.98
N ILE A 55 -10.48 10.07 -31.50
CA ILE A 55 -9.83 9.57 -32.71
C ILE A 55 -8.48 9.02 -32.31
N VAL A 56 -8.29 7.74 -32.57
CA VAL A 56 -7.00 7.06 -32.37
C VAL A 56 -6.42 6.87 -33.76
N ALA A 57 -5.55 7.76 -34.18
CA ALA A 57 -5.00 7.76 -35.55
C ALA A 57 -3.59 7.20 -35.58
N ASP A 58 -3.38 6.13 -36.32
CA ASP A 58 -2.01 5.62 -36.56
C ASP A 58 -1.86 5.71 -38.08
N PRO A 59 -1.76 6.90 -38.69
CA PRO A 59 -1.70 6.95 -40.13
C PRO A 59 -0.37 6.47 -40.65
N PRO A 60 -0.22 6.19 -41.96
CA PRO A 60 1.11 5.90 -42.49
C PRO A 60 2.04 7.05 -42.13
N TYR A 61 3.28 6.78 -41.72
CA TYR A 61 4.27 7.81 -41.26
C TYR A 61 5.00 8.50 -42.40
N GLY A 62 5.03 7.91 -43.59
CA GLY A 62 5.77 8.44 -44.76
C GLY A 62 7.16 7.88 -44.80
N LEU A 63 7.35 6.64 -44.33
CA LEU A 63 8.68 5.99 -44.23
C LEU A 63 8.91 4.97 -45.35
N GLY A 64 7.92 4.66 -46.18
CA GLY A 64 8.09 3.78 -47.35
C GLY A 64 7.81 2.33 -47.03
N LYS A 65 6.93 2.04 -46.08
CA LYS A 65 6.55 0.68 -45.78
C LYS A 65 5.56 0.16 -46.84
N ASP A 66 5.29 -1.14 -46.79
CA ASP A 66 4.38 -1.80 -47.76
C ASP A 66 3.18 -2.37 -47.01
N TYR A 67 2.02 -1.73 -47.15
CA TYR A 67 0.77 -2.22 -46.53
C TYR A 67 -0.08 -2.84 -47.62
N GLY A 68 0.54 -3.30 -48.69
CA GLY A 68 -0.21 -3.79 -49.86
C GLY A 68 -0.71 -2.61 -50.64
N ASN A 69 -0.13 -1.42 -50.42
CA ASN A 69 -0.57 -0.21 -51.11
C ASN A 69 0.54 0.84 -50.99
N ASP A 70 0.32 2.00 -51.61
CA ASP A 70 1.29 3.09 -51.65
C ASP A 70 0.97 4.19 -50.64
N SER A 71 0.29 3.90 -49.55
CA SER A 71 -0.04 4.93 -48.55
C SER A 71 1.22 5.47 -47.87
N ASP A 72 2.18 4.61 -47.56
CA ASP A 72 3.45 5.02 -46.90
C ASP A 72 4.50 5.35 -47.95
N LYS A 73 4.16 5.22 -49.23
CA LYS A 73 5.09 5.53 -50.34
C LYS A 73 5.12 7.05 -50.55
N ARG A 74 4.27 7.83 -49.90
CA ARG A 74 4.35 9.28 -49.99
C ARG A 74 5.45 9.79 -49.06
N SER A 75 6.05 10.92 -49.46
CA SER A 75 7.11 11.53 -48.67
C SER A 75 7.06 13.04 -48.85
N GLY A 76 7.67 13.75 -47.90
CA GLY A 76 7.84 15.17 -48.04
C GLY A 76 6.52 15.91 -48.17
N ASP A 77 6.56 16.99 -48.97
CA ASP A 77 5.42 17.89 -49.05
C ASP A 77 4.16 17.18 -49.51
N ASP A 78 4.30 16.17 -50.36
CA ASP A 78 3.14 15.41 -50.89
C ASP A 78 2.53 14.59 -49.76
N PHE A 79 3.38 14.00 -48.91
CA PHE A 79 2.90 13.23 -47.74
C PHE A 79 2.22 14.18 -46.79
N LEU A 80 2.80 15.35 -46.51
CA LEU A 80 2.24 16.30 -45.53
C LEU A 80 0.92 16.88 -46.08
N ALA A 81 0.78 17.04 -47.39
CA ALA A 81 -0.47 17.47 -48.00
C ALA A 81 -1.57 16.43 -47.80
N TRP A 82 -1.25 15.15 -48.01
CA TRP A 82 -2.24 14.09 -47.81
C TRP A 82 -2.66 14.01 -46.34
N THR A 83 -1.70 14.20 -45.43
CA THR A 83 -1.99 14.21 -44.01
C THR A 83 -2.99 15.31 -43.68
N ARG A 84 -2.73 16.53 -44.16
CA ARG A 84 -3.67 17.63 -43.95
C ARG A 84 -5.04 17.29 -44.53
N GLU A 85 -5.07 16.67 -45.71
CA GLU A 85 -6.33 16.28 -46.33
C GLU A 85 -7.17 15.43 -45.39
N TRP A 86 -6.64 14.28 -44.99
CA TRP A 86 -7.45 13.38 -44.18
C TRP A 86 -7.72 13.96 -42.80
N LEU A 87 -6.79 14.76 -42.26
CA LEU A 87 -7.04 15.40 -40.98
C LEU A 87 -8.21 16.36 -41.05
N GLU A 88 -8.26 17.17 -42.10
CA GLU A 88 -9.38 18.08 -42.27
C GLU A 88 -10.68 17.32 -42.42
N LEU A 89 -10.63 16.15 -43.04
CA LEU A 89 -11.85 15.32 -43.10
C LEU A 89 -12.24 14.81 -41.72
N ALA A 90 -11.26 14.48 -40.88
CA ALA A 90 -11.55 13.75 -39.64
C ALA A 90 -11.88 14.66 -38.45
N ILE A 91 -11.23 15.82 -38.34
CA ILE A 91 -11.43 16.66 -37.16
C ILE A 91 -12.92 16.99 -36.94
N PRO A 92 -13.68 17.44 -37.94
CA PRO A 92 -15.08 17.85 -37.68
C PRO A 92 -15.91 16.75 -37.05
N LYS A 93 -15.47 15.50 -37.17
CA LYS A 93 -16.20 14.37 -36.62
C LYS A 93 -16.12 14.29 -35.11
N LEU A 94 -15.39 15.21 -34.47
CA LEU A 94 -15.18 15.17 -33.04
C LEU A 94 -16.27 15.96 -32.33
N LYS A 95 -16.89 15.33 -31.33
CA LYS A 95 -17.76 16.07 -30.44
C LYS A 95 -16.95 17.18 -29.76
N PRO A 96 -17.62 18.20 -29.23
CA PRO A 96 -16.88 19.28 -28.55
C PRO A 96 -16.05 18.77 -27.38
N SER A 97 -16.37 17.61 -26.83
CA SER A 97 -15.63 17.02 -25.72
C SER A 97 -14.54 16.06 -26.17
N GLY A 98 -14.42 15.81 -27.49
CA GLY A 98 -13.56 14.76 -27.97
C GLY A 98 -12.09 15.13 -27.96
N SER A 99 -11.27 14.10 -28.22
CA SER A 99 -9.83 14.23 -28.22
C SER A 99 -9.28 13.38 -29.36
N MET A 100 -7.97 13.49 -29.59
CA MET A 100 -7.34 12.74 -30.67
C MET A 100 -5.89 12.43 -30.33
N TYR A 101 -5.51 11.17 -30.56
CA TYR A 101 -4.12 10.76 -30.58
C TYR A 101 -3.72 10.48 -32.03
N ILE A 102 -2.53 10.98 -32.44
CA ILE A 102 -1.99 10.77 -33.81
C ILE A 102 -0.55 10.25 -33.74
N PHE A 103 -0.29 9.05 -34.25
CA PHE A 103 1.08 8.49 -34.30
C PHE A 103 1.81 9.15 -35.47
N CYS A 104 3.10 9.39 -35.33
CA CYS A 104 3.94 9.96 -36.41
C CYS A 104 5.41 9.68 -36.13
N THR A 105 6.26 9.93 -37.12
CA THR A 105 7.72 9.81 -36.99
C THR A 105 8.26 11.19 -36.74
N TRP A 106 9.29 11.32 -35.92
CA TRP A 106 9.99 12.60 -35.67
C TRP A 106 10.28 13.29 -36.99
N GLN A 107 10.44 12.53 -38.06
CA GLN A 107 10.71 13.09 -39.41
C GLN A 107 9.59 14.05 -39.84
N TYR A 108 8.31 13.78 -39.55
CA TYR A 108 7.18 14.64 -39.99
C TYR A 108 6.42 15.20 -38.79
N ALA A 109 6.84 14.90 -37.56
CA ALA A 109 6.14 15.34 -36.34
C ALA A 109 6.11 16.85 -36.21
N PRO A 110 7.18 17.66 -36.41
CA PRO A 110 7.06 19.11 -36.21
C PRO A 110 6.04 19.76 -37.12
N GLU A 111 6.02 19.41 -38.41
CA GLU A 111 5.05 20.02 -39.31
C GLU A 111 3.62 19.59 -38.98
N ILE A 112 3.42 18.30 -38.74
CA ILE A 112 2.07 17.79 -38.47
C ILE A 112 1.51 18.42 -37.20
N PHE A 113 2.32 18.46 -36.14
CA PHE A 113 1.88 19.07 -34.89
C PHE A 113 1.69 20.57 -35.05
N SER A 114 2.59 21.25 -35.77
CA SER A 114 2.43 22.66 -36.02
C SER A 114 1.11 22.94 -36.70
N PHE A 115 0.72 22.09 -37.65
CA PHE A 115 -0.55 22.29 -38.35
C PHE A 115 -1.73 21.98 -37.43
N LEU A 116 -1.62 20.94 -36.61
CA LEU A 116 -2.73 20.57 -35.75
C LEU A 116 -2.97 21.60 -34.65
N LYS A 117 -1.93 22.31 -34.25
CA LYS A 117 -2.10 23.34 -33.23
C LYS A 117 -2.98 24.48 -33.70
N THR A 118 -3.05 24.71 -35.02
CA THR A 118 -3.94 25.73 -35.56
C THR A 118 -5.39 25.28 -35.60
N GLN A 119 -5.64 23.97 -35.52
CA GLN A 119 -6.99 23.42 -35.53
C GLN A 119 -7.45 22.96 -34.17
N LEU A 120 -6.53 22.48 -33.33
CA LEU A 120 -6.85 21.98 -32.01
C LEU A 120 -5.78 22.48 -31.04
N THR A 121 -6.00 22.17 -29.76
CA THR A 121 -5.05 22.50 -28.70
C THR A 121 -4.34 21.22 -28.27
N MET A 122 -3.01 21.29 -28.17
CA MET A 122 -2.22 20.12 -27.80
C MET A 122 -2.25 19.92 -26.29
N VAL A 123 -2.69 18.74 -25.88
CA VAL A 123 -2.67 18.39 -24.46
C VAL A 123 -1.40 17.67 -24.08
N ASN A 124 -0.80 16.90 -25.01
CA ASN A 124 0.42 16.19 -24.68
C ASN A 124 1.20 15.86 -25.95
N GLU A 125 2.50 15.69 -25.78
CA GLU A 125 3.31 14.90 -26.70
C GLU A 125 3.73 13.65 -25.93
N ILE A 126 3.15 12.53 -26.31
CA ILE A 126 3.49 11.24 -25.73
C ILE A 126 4.59 10.62 -26.59
N ILE A 127 5.62 10.09 -25.94
CA ILE A 127 6.76 9.45 -26.64
C ILE A 127 6.62 7.94 -26.44
N TRP A 128 6.31 7.19 -27.46
CA TRP A 128 6.30 5.72 -27.34
C TRP A 128 7.74 5.23 -27.41
N ASP A 129 8.30 4.79 -26.31
CA ASP A 129 9.67 4.23 -26.28
C ASP A 129 9.54 2.76 -26.66
N ARG A 130 9.97 2.37 -27.85
CA ARG A 130 9.75 1.01 -28.35
C ARG A 130 10.76 0.01 -27.81
N ARG A 131 11.78 0.46 -27.06
CA ARG A 131 12.74 -0.43 -26.43
CA ARG A 131 12.74 -0.44 -26.44
C ARG A 131 13.63 -1.13 -27.46
N VAL A 132 13.06 -1.59 -28.57
CA VAL A 132 13.81 -2.25 -29.63
C VAL A 132 14.07 -1.22 -30.74
N PRO A 133 15.34 -0.89 -31.03
CA PRO A 133 15.62 0.14 -32.02
C PRO A 133 15.50 -0.41 -33.43
N SER A 134 15.31 0.50 -34.38
CA SER A 134 15.23 0.10 -35.78
C SER A 134 16.60 -0.36 -36.27
N MET A 135 16.57 -1.34 -37.17
CA MET A 135 17.79 -1.93 -37.70
C MET A 135 18.18 -1.19 -38.98
N GLY A 136 19.28 -1.62 -39.60
CA GLY A 136 19.77 -0.93 -40.78
C GLY A 136 21.27 -1.04 -40.96
N GLY A 137 22.02 -0.54 -39.99
CA GLY A 137 23.47 -0.61 -40.06
C GLY A 137 24.14 0.74 -39.93
N THR A 138 23.39 1.77 -39.55
CA THR A 138 23.95 3.11 -39.54
C THR A 138 24.98 3.28 -38.44
N THR A 139 25.82 4.30 -38.61
CA THR A 139 26.81 4.71 -37.64
C THR A 139 26.85 6.22 -37.50
N ARG A 140 26.08 6.94 -38.32
CA ARG A 140 26.21 8.38 -38.47
C ARG A 140 25.04 9.14 -37.87
N ARG A 141 24.38 8.55 -36.89
CA ARG A 141 23.27 9.18 -36.20
C ARG A 141 22.80 8.23 -35.10
N PHE A 142 21.97 8.76 -34.21
CA PHE A 142 21.39 7.94 -33.14
C PHE A 142 20.22 7.14 -33.69
N THR A 143 20.13 5.89 -33.25
CA THR A 143 19.18 4.94 -33.82
C THR A 143 17.77 5.23 -33.34
N SER A 144 16.79 4.94 -34.21
CA SER A 144 15.39 5.23 -33.91
C SER A 144 14.84 4.20 -32.93
N VAL A 145 14.24 4.68 -31.84
CA VAL A 145 13.66 3.78 -30.85
C VAL A 145 12.37 4.34 -30.28
N HIS A 146 11.91 5.49 -30.80
CA HIS A 146 10.71 6.16 -30.28
C HIS A 146 9.79 6.60 -31.42
N ASP A 147 8.48 6.48 -31.24
CA ASP A 147 7.47 7.01 -32.19
C ASP A 147 6.85 8.20 -31.46
N ASN A 148 6.49 9.25 -32.18
CA ASN A 148 5.89 10.46 -31.59
C ASN A 148 4.36 10.30 -31.61
N ILE A 149 3.66 10.74 -30.56
CA ILE A 149 2.19 10.70 -30.50
C ILE A 149 1.70 12.06 -30.04
N GLY A 150 0.92 12.73 -30.88
CA GLY A 150 0.34 14.00 -30.51
C GLY A 150 -1.05 13.80 -29.93
N PHE A 151 -1.27 14.36 -28.74
CA PHE A 151 -2.53 14.27 -28.00
C PHE A 151 -3.16 15.66 -28.00
N PHE A 152 -4.21 15.82 -28.79
CA PHE A 152 -4.90 17.09 -29.00
C PHE A 152 -6.34 17.01 -28.51
N ALA A 153 -6.92 18.18 -28.26
CA ALA A 153 -8.29 18.30 -27.79
C ALA A 153 -8.99 19.44 -28.52
N VAL A 154 -10.28 19.26 -28.79
CA VAL A 154 -11.04 20.30 -29.46
C VAL A 154 -11.19 21.52 -28.54
N SER A 155 -11.74 21.30 -27.35
CA SER A 155 -11.98 22.35 -26.39
C SER A 155 -11.26 22.04 -25.08
N ARG A 156 -11.23 23.03 -24.20
CA ARG A 156 -10.48 22.94 -22.97
C ARG A 156 -11.21 22.10 -21.92
N ALA A 157 -12.40 21.60 -22.27
CA ALA A 157 -13.20 20.73 -21.42
C ALA A 157 -13.25 19.30 -21.96
N TYR A 158 -12.25 18.92 -22.75
CA TYR A 158 -12.18 17.56 -23.27
C TYR A 158 -12.38 16.55 -22.13
N TYR A 159 -12.87 15.37 -22.49
CA TYR A 159 -13.08 14.31 -21.51
C TYR A 159 -11.76 13.59 -21.27
N PHE A 160 -11.32 13.56 -20.02
CA PHE A 160 -10.11 12.84 -19.64
C PHE A 160 -10.32 12.26 -18.26
N ASP A 161 -10.18 10.94 -18.15
CA ASP A 161 -10.34 10.22 -16.88
C ASP A 161 -9.07 9.43 -16.61
N LEU A 162 -8.31 9.86 -15.60
CA LEU A 162 -7.02 9.25 -15.34
C LEU A 162 -7.13 7.94 -14.59
N ASP A 163 -8.16 7.77 -13.76
CA ASP A 163 -8.23 6.62 -12.87
C ASP A 163 -8.09 5.28 -13.58
N PRO A 164 -8.80 5.02 -14.69
CA PRO A 164 -8.70 3.69 -15.31
C PRO A 164 -7.33 3.39 -15.90
N VAL A 165 -6.52 4.41 -16.23
CA VAL A 165 -5.20 4.20 -16.78
C VAL A 165 -4.08 4.29 -15.74
N ARG A 166 -4.40 4.67 -14.50
CA ARG A 166 -3.37 4.74 -13.47
C ARG A 166 -2.65 3.41 -13.35
N ILE A 167 -1.36 3.49 -13.04
CA ILE A 167 -0.51 2.31 -12.90
C ILE A 167 -0.24 2.05 -11.42
N PRO A 168 -0.90 1.08 -10.80
CA PRO A 168 -0.64 0.82 -9.38
C PRO A 168 0.72 0.18 -9.17
N TYR A 169 1.32 0.50 -8.01
CA TYR A 169 2.58 -0.12 -7.64
C TYR A 169 2.38 -1.56 -7.18
N ASP A 170 3.45 -2.34 -7.28
CA ASP A 170 3.50 -3.62 -6.59
C ASP A 170 3.87 -3.37 -5.13
N ALA A 171 4.11 -4.43 -4.37
CA ALA A 171 4.38 -4.26 -2.95
C ALA A 171 5.76 -3.66 -2.71
N ASP A 172 6.80 -4.24 -3.32
CA ASP A 172 8.15 -3.76 -3.07
C ASP A 172 8.31 -2.31 -3.50
N THR A 173 7.80 -1.97 -4.70
CA THR A 173 7.97 -0.61 -5.19
C THR A 173 7.13 0.37 -4.37
N LYS A 174 5.93 -0.03 -3.96
CA LYS A 174 5.15 0.83 -3.07
C LYS A 174 5.85 1.04 -1.75
N LYS A 175 6.58 0.04 -1.26
CA LYS A 175 7.36 0.23 -0.05
C LYS A 175 8.51 1.21 -0.29
N ALA A 176 9.11 1.14 -1.48
CA ALA A 176 10.23 2.03 -1.79
C ALA A 176 9.78 3.46 -1.99
N ARG A 177 8.54 3.67 -2.42
CA ARG A 177 8.05 5.03 -2.69
C ARG A 177 7.31 5.65 -1.52
N SER A 178 6.81 4.84 -0.58
CA SER A 178 5.99 5.39 0.49
C SER A 178 6.83 6.28 1.40
N ARG A 179 6.23 7.38 1.83
CA ARG A 179 6.80 8.23 2.87
C ARG A 179 5.63 8.86 3.61
N LYS A 180 5.84 9.18 4.88
CA LYS A 180 4.78 9.79 5.67
C LYS A 180 4.11 10.92 4.90
N LEU A 181 4.91 11.81 4.32
CA LEU A 181 4.36 12.94 3.57
C LEU A 181 3.52 12.48 2.39
N PHE A 182 3.83 11.33 1.79
CA PHE A 182 3.09 10.85 0.63
C PHE A 182 1.92 9.96 1.00
N GLU A 183 1.89 9.41 2.20
CA GLU A 183 0.86 8.44 2.57
C GLU A 183 -0.52 9.02 2.31
N GLY A 184 -1.39 8.21 1.69
CA GLY A 184 -2.74 8.60 1.38
C GLY A 184 -2.91 9.29 0.04
N SER A 185 -1.82 9.74 -0.58
CA SER A 185 -1.92 10.38 -1.88
C SER A 185 -2.45 9.40 -2.91
N LYS A 186 -3.28 9.91 -3.82
CA LYS A 186 -3.91 9.04 -4.81
C LYS A 186 -2.87 8.37 -5.70
N TRP A 187 -1.76 9.05 -5.99
CA TRP A 187 -0.73 8.45 -6.84
C TRP A 187 -0.04 7.28 -6.16
N LEU A 188 0.04 7.29 -4.83
CA LEU A 188 0.72 6.21 -4.11
C LEU A 188 -0.20 5.02 -3.89
N GLU A 189 -1.47 5.25 -3.60
CA GLU A 189 -2.41 4.18 -3.27
C GLU A 189 -3.04 3.56 -4.51
N MET A 190 -3.56 4.40 -5.42
CA MET A 190 -4.27 3.90 -6.59
C MET A 190 -3.35 3.64 -7.78
N GLY A 191 -2.37 4.51 -8.01
CA GLY A 191 -1.45 4.35 -9.10
C GLY A 191 -1.02 5.69 -9.64
N TYR A 192 0.14 5.68 -10.29
CA TYR A 192 0.77 6.90 -10.78
C TYR A 192 0.44 7.16 -12.24
N ASN A 193 0.61 8.41 -12.64
CA ASN A 193 0.39 8.81 -14.01
C ASN A 193 1.38 8.09 -14.93
N PRO A 194 0.93 7.55 -16.07
CA PRO A 194 1.88 6.97 -17.03
C PRO A 194 2.94 7.95 -17.52
N LYS A 195 2.77 9.25 -17.29
CA LYS A 195 3.70 10.26 -17.80
C LYS A 195 3.64 10.31 -19.32
N ASP A 196 4.34 11.27 -19.93
CA ASP A 196 4.31 11.44 -21.38
C ASP A 196 5.40 10.65 -22.10
N VAL A 197 6.04 9.69 -21.42
CA VAL A 197 6.87 8.69 -22.09
C VAL A 197 6.34 7.32 -21.67
N TRP A 198 5.89 6.54 -22.65
CA TRP A 198 5.38 5.20 -22.42
C TRP A 198 6.40 4.21 -22.93
N SER A 199 7.10 3.53 -22.02
CA SER A 199 8.08 2.52 -22.39
C SER A 199 7.38 1.17 -22.52
N VAL A 200 7.24 0.71 -23.76
CA VAL A 200 6.54 -0.54 -24.05
C VAL A 200 7.18 -1.14 -25.30
N SER A 201 7.70 -2.35 -25.18
CA SER A 201 8.43 -2.94 -26.29
C SER A 201 7.51 -3.18 -27.48
N ARG A 202 8.09 -3.08 -28.67
CA ARG A 202 7.38 -3.44 -29.88
C ARG A 202 7.06 -4.93 -29.88
N LEU A 203 6.01 -5.30 -30.61
CA LEU A 203 5.56 -6.69 -30.68
C LEU A 203 6.51 -7.50 -31.57
N HIS A 204 7.27 -8.39 -30.95
CA HIS A 204 8.07 -9.35 -31.70
C HIS A 204 7.18 -10.15 -32.66
N ARG A 205 7.79 -10.61 -33.76
CA ARG A 205 7.00 -11.33 -34.77
C ARG A 205 6.30 -12.55 -34.17
N GLN A 206 6.98 -13.31 -33.31
CA GLN A 206 6.40 -14.48 -32.68
C GLN A 206 5.59 -14.15 -31.44
N HIS A 207 5.53 -12.88 -31.04
CA HIS A 207 4.70 -12.49 -29.92
C HIS A 207 3.28 -12.97 -30.12
N ALA A 208 2.63 -13.38 -29.02
CA ALA A 208 1.25 -13.84 -29.08
C ALA A 208 0.37 -12.85 -29.84
N GLU A 209 0.32 -11.60 -29.36
CA GLU A 209 -0.46 -10.56 -30.02
C GLU A 209 -0.23 -10.55 -31.52
N ARG A 210 1.01 -10.72 -31.96
CA ARG A 210 1.38 -10.36 -33.32
C ARG A 210 0.51 -11.08 -34.35
N VAL A 211 0.17 -10.36 -35.40
CA VAL A 211 -0.58 -10.88 -36.53
C VAL A 211 0.16 -10.46 -37.81
N ASP A 212 -0.40 -10.85 -38.96
CA ASP A 212 0.24 -10.59 -40.24
C ASP A 212 -0.03 -9.15 -40.71
N HIS A 213 0.49 -8.19 -39.93
CA HIS A 213 0.42 -6.78 -40.31
C HIS A 213 1.79 -6.16 -40.04
N PRO A 214 2.33 -5.38 -40.99
CA PRO A 214 3.73 -4.93 -40.85
C PRO A 214 3.96 -3.97 -39.70
N THR A 215 2.98 -3.12 -39.37
CA THR A 215 3.18 -2.09 -38.36
C THR A 215 2.14 -2.21 -37.24
N GLN A 216 2.08 -3.37 -36.58
CA GLN A 216 1.10 -3.56 -35.49
C GLN A 216 1.52 -2.78 -34.24
N LYS A 217 0.54 -2.22 -33.52
CA LYS A 217 0.80 -1.43 -32.29
C LYS A 217 0.44 -2.25 -31.05
N PRO A 218 1.22 -2.16 -29.94
CA PRO A 218 0.89 -2.90 -28.74
C PRO A 218 -0.50 -2.52 -28.23
N LEU A 219 -1.31 -3.50 -27.82
CA LEU A 219 -2.63 -3.21 -27.27
C LEU A 219 -2.54 -2.39 -25.99
N GLU A 220 -1.46 -2.54 -25.22
CA GLU A 220 -1.30 -1.76 -24.00
C GLU A 220 -1.46 -0.27 -24.28
N ILE A 221 -0.72 0.23 -25.27
CA ILE A 221 -0.73 1.65 -25.61
C ILE A 221 -2.14 2.08 -26.01
N ILE A 222 -2.69 1.41 -27.02
CA ILE A 222 -3.98 1.81 -27.57
C ILE A 222 -5.06 1.77 -26.50
N GLU A 223 -5.01 0.76 -25.63
CA GLU A 223 -6.00 0.63 -24.57
C GLU A 223 -5.87 1.76 -23.55
N ARG A 224 -4.64 2.11 -23.19
CA ARG A 224 -4.45 3.26 -22.31
C ARG A 224 -5.12 4.49 -22.89
N MET A 225 -4.91 4.73 -24.19
CA MET A 225 -5.52 5.91 -24.81
C MET A 225 -7.04 5.83 -24.77
N VAL A 226 -7.59 4.68 -25.17
CA VAL A 226 -9.03 4.50 -25.20
C VAL A 226 -9.63 4.76 -23.82
N LEU A 227 -9.01 4.20 -22.78
CA LEU A 227 -9.57 4.27 -21.44
C LEU A 227 -9.44 5.67 -20.85
N ALA A 228 -8.37 6.39 -21.17
CA ALA A 228 -8.21 7.70 -20.58
C ALA A 228 -9.04 8.77 -21.28
N SER A 229 -9.32 8.62 -22.58
CA SER A 229 -9.91 9.72 -23.32
C SER A 229 -11.24 9.43 -24.02
N CYS A 230 -11.78 8.22 -23.89
CA CYS A 230 -13.11 7.92 -24.43
C CYS A 230 -14.05 7.51 -23.30
N PRO A 231 -15.18 8.18 -23.10
CA PRO A 231 -16.09 7.74 -22.05
C PRO A 231 -16.61 6.35 -22.34
N PRO A 232 -16.89 5.57 -21.31
CA PRO A 232 -17.46 4.23 -21.53
C PRO A 232 -18.68 4.31 -22.43
N GLY A 233 -18.67 3.52 -23.50
CA GLY A 233 -19.73 3.55 -24.48
C GLY A 233 -19.59 4.59 -25.56
N GLY A 234 -18.75 5.61 -25.35
CA GLY A 234 -18.50 6.59 -26.40
C GLY A 234 -18.02 5.92 -27.68
N ARG A 235 -17.89 6.74 -28.71
CA ARG A 235 -17.49 6.28 -30.03
C ARG A 235 -16.08 6.74 -30.33
N VAL A 236 -15.21 5.81 -30.76
CA VAL A 236 -13.86 6.12 -31.16
C VAL A 236 -13.70 5.74 -32.63
N LEU A 237 -12.95 6.57 -33.36
CA LEU A 237 -12.75 6.41 -34.79
C LEU A 237 -11.29 6.06 -35.06
N ASP A 238 -11.10 5.18 -36.05
CA ASP A 238 -9.77 4.75 -36.52
C ASP A 238 -9.77 4.91 -38.03
N PRO A 239 -9.37 6.09 -38.53
CA PRO A 239 -9.34 6.29 -39.99
C PRO A 239 -8.55 5.21 -40.71
N PHE A 240 -7.52 4.65 -40.06
CA PHE A 240 -6.68 3.61 -40.64
C PHE A 240 -6.38 2.61 -39.53
N MET A 241 -7.26 1.61 -39.41
CA MET A 241 -7.27 0.71 -38.25
C MET A 241 -6.34 -0.48 -38.41
N GLY A 242 -5.84 -0.76 -39.61
CA GLY A 242 -4.99 -1.91 -39.81
C GLY A 242 -5.57 -3.18 -39.23
N SER A 243 -4.82 -3.83 -38.35
CA SER A 243 -5.25 -5.07 -37.70
C SER A 243 -6.39 -4.85 -36.73
N GLY A 244 -6.94 -3.65 -36.60
CA GLY A 244 -8.00 -3.43 -35.65
C GLY A 244 -7.57 -3.59 -34.21
N THR A 245 -6.34 -3.17 -33.88
CA THR A 245 -5.94 -3.13 -32.49
C THR A 245 -6.88 -2.24 -31.68
N THR A 246 -7.21 -1.07 -32.22
CA THR A 246 -8.18 -0.20 -31.58
C THR A 246 -9.55 -0.87 -31.49
N ALA A 247 -9.89 -1.71 -32.48
CA ALA A 247 -11.13 -2.44 -32.42
C ALA A 247 -11.17 -3.36 -31.21
N VAL A 248 -10.12 -4.16 -31.01
CA VAL A 248 -10.02 -4.98 -29.80
C VAL A 248 -10.11 -4.10 -28.57
N ALA A 249 -9.32 -3.02 -28.53
CA ALA A 249 -9.27 -2.16 -27.35
C ALA A 249 -10.65 -1.65 -26.98
N CYS A 250 -11.49 -1.35 -27.98
CA CYS A 250 -12.82 -0.82 -27.70
C CYS A 250 -13.81 -1.94 -27.38
N ALA A 251 -13.67 -3.09 -28.03
CA ALA A 251 -14.51 -4.25 -27.74
C ALA A 251 -14.48 -4.51 -26.24
N ARG A 252 -13.32 -4.91 -25.74
CA ARG A 252 -13.09 -4.82 -24.30
C ARG A 252 -13.08 -3.34 -23.90
N GLN A 253 -13.29 -3.09 -22.61
CA GLN A 253 -13.49 -1.76 -22.07
C GLN A 253 -14.81 -1.15 -22.53
N GLY A 254 -15.58 -1.85 -23.37
CA GLY A 254 -16.92 -1.42 -23.75
C GLY A 254 -17.00 -0.03 -24.33
N ARG A 255 -16.47 0.16 -25.53
CA ARG A 255 -16.58 1.42 -26.25
C ARG A 255 -16.98 1.15 -27.70
N ASP A 256 -17.64 2.13 -28.31
CA ASP A 256 -18.05 2.02 -29.69
C ASP A 256 -16.87 2.30 -30.62
N PHE A 257 -16.91 1.70 -31.80
CA PHE A 257 -15.77 1.76 -32.71
C PHE A 257 -16.24 1.91 -34.15
N VAL A 258 -15.62 2.84 -34.87
CA VAL A 258 -15.74 2.93 -36.32
C VAL A 258 -14.35 2.98 -36.90
N GLY A 259 -14.02 2.02 -37.76
CA GLY A 259 -12.69 1.96 -38.34
C GLY A 259 -12.74 1.73 -39.83
N TYR A 260 -11.72 2.23 -40.51
CA TYR A 260 -11.59 2.08 -41.96
C TYR A 260 -10.21 1.53 -42.30
N GLU A 261 -10.18 0.56 -43.21
CA GLU A 261 -8.93 -0.01 -43.70
C GLU A 261 -9.17 -0.48 -45.13
N ILE A 262 -8.27 -0.08 -46.03
CA ILE A 262 -8.44 -0.40 -47.45
C ILE A 262 -7.98 -1.81 -47.80
N ASN A 263 -7.21 -2.46 -46.93
CA ASN A 263 -6.68 -3.79 -47.21
C ASN A 263 -7.66 -4.85 -46.71
N GLU A 264 -8.20 -5.64 -47.63
CA GLU A 264 -9.20 -6.64 -47.25
C GLU A 264 -8.61 -7.66 -46.28
N SER A 265 -7.33 -8.00 -46.41
CA SER A 265 -6.73 -8.95 -45.48
C SER A 265 -6.58 -8.35 -44.09
N TYR A 266 -6.22 -7.07 -44.01
CA TYR A 266 -6.16 -6.42 -42.70
C TYR A 266 -7.54 -6.38 -42.06
N CYS A 267 -8.57 -6.06 -42.85
CA CYS A 267 -9.93 -6.09 -42.32
C CYS A 267 -10.30 -7.50 -41.87
N ALA A 268 -9.88 -8.52 -42.62
CA ALA A 268 -10.10 -9.90 -42.22
C ALA A 268 -9.50 -10.17 -40.85
N ILE A 269 -8.19 -9.89 -40.72
CA ILE A 269 -7.48 -10.10 -39.46
C ILE A 269 -8.19 -9.38 -38.32
N ALA A 270 -8.68 -8.17 -38.59
CA ALA A 270 -9.39 -7.42 -37.55
C ALA A 270 -10.68 -8.12 -37.15
N HIS A 271 -11.47 -8.54 -38.14
CA HIS A 271 -12.66 -9.32 -37.86
C HIS A 271 -12.34 -10.49 -36.94
N GLU A 272 -11.29 -11.25 -37.27
CA GLU A 272 -10.94 -12.39 -36.44
C GLU A 272 -10.59 -11.95 -35.02
N ARG A 273 -9.66 -11.00 -34.90
CA ARG A 273 -9.22 -10.54 -33.59
C ARG A 273 -10.41 -10.13 -32.72
N VAL A 274 -11.41 -9.48 -33.31
CA VAL A 274 -12.55 -9.04 -32.51
C VAL A 274 -13.45 -10.23 -32.18
N ASN A 275 -13.63 -11.15 -33.13
CA ASN A 275 -14.43 -12.36 -32.90
C ASN A 275 -13.57 -13.45 -32.28
N ALA A 276 -12.98 -13.11 -31.13
CA ALA A 276 -12.16 -14.06 -30.39
C ALA A 276 -12.06 -13.64 -28.91
N LEU A 277 -12.79 -12.59 -28.54
CA LEU A 277 -12.69 -12.01 -27.20
C LEU A 277 -13.81 -12.57 -26.32
N ALA A 278 -14.21 -11.82 -25.30
CA ALA A 278 -15.33 -12.19 -24.44
C ALA A 278 -14.93 -13.27 -23.44
N LEU B 29 41.92 29.67 -15.35
CA LEU B 29 40.96 29.19 -16.33
C LEU B 29 41.68 28.48 -17.48
N PRO B 30 41.44 27.16 -17.65
CA PRO B 30 42.14 26.40 -18.70
C PRO B 30 42.17 27.10 -20.05
N SER B 31 43.09 26.69 -20.91
CA SER B 31 43.20 27.24 -22.25
C SER B 31 42.19 26.57 -23.17
N GLY B 32 41.61 27.36 -24.07
CA GLY B 32 40.56 26.90 -24.96
C GLY B 32 39.17 27.14 -24.41
N ILE B 33 39.03 27.02 -23.10
CA ILE B 33 37.75 27.30 -22.45
C ILE B 33 37.63 28.80 -22.24
N GLU B 34 36.51 29.37 -22.69
CA GLU B 34 36.34 30.82 -22.77
C GLU B 34 34.93 31.16 -22.30
N LEU B 35 34.82 31.83 -21.15
CA LEU B 35 33.55 32.14 -20.52
C LEU B 35 33.30 33.64 -20.57
N HIS B 36 32.08 34.03 -20.94
CA HIS B 36 31.69 35.43 -21.06
C HIS B 36 30.43 35.68 -20.25
N ASN B 37 30.44 36.76 -19.46
CA ASN B 37 29.22 37.22 -18.79
C ASN B 37 28.56 38.28 -19.66
N ARG B 38 28.05 37.83 -20.80
CA ARG B 38 27.48 38.72 -21.80
C ARG B 38 26.25 38.09 -22.42
N ASP B 39 25.40 38.94 -23.00
CA ASP B 39 24.27 38.47 -23.79
C ASP B 39 24.78 37.99 -25.14
N PHE B 40 24.38 36.78 -25.52
CA PHE B 40 24.81 36.25 -26.81
C PHE B 40 24.33 37.12 -27.96
N LEU B 41 23.06 37.51 -27.93
CA LEU B 41 22.46 38.20 -29.07
C LEU B 41 23.17 39.51 -29.40
N THR B 42 23.96 40.05 -28.47
CA THR B 42 24.70 41.28 -28.73
C THR B 42 26.18 41.04 -29.02
N ASP B 43 26.76 39.99 -28.44
CA ASP B 43 28.17 39.68 -28.65
C ASP B 43 28.40 38.73 -29.81
N ALA B 44 27.35 38.31 -30.52
CA ALA B 44 27.51 37.34 -31.60
C ALA B 44 28.54 37.80 -32.63
N ALA B 45 28.76 39.12 -32.75
CA ALA B 45 29.76 39.61 -33.69
C ALA B 45 31.15 39.15 -33.31
N HIS B 46 31.47 39.18 -32.01
CA HIS B 46 32.79 38.73 -31.54
C HIS B 46 33.10 37.31 -31.95
N LEU B 47 32.12 36.55 -32.44
CA LEU B 47 32.32 35.14 -32.77
C LEU B 47 32.52 35.01 -34.27
N PRO B 48 33.71 34.62 -34.74
CA PRO B 48 33.92 34.50 -36.18
C PRO B 48 32.93 33.54 -36.81
N ASP B 49 32.38 33.95 -37.96
CA ASP B 49 31.51 33.07 -38.72
C ASP B 49 32.25 31.80 -39.11
N ALA B 50 31.60 30.65 -38.92
CA ALA B 50 32.13 29.36 -39.34
C ALA B 50 33.38 28.96 -38.54
N SER B 51 33.41 29.30 -37.26
CA SER B 51 34.52 28.93 -36.39
C SER B 51 34.18 27.83 -35.40
N ILE B 52 32.93 27.38 -35.35
CA ILE B 52 32.45 26.46 -34.32
C ILE B 52 32.04 25.16 -34.99
N ASP B 53 32.53 24.04 -34.44
CA ASP B 53 32.13 22.72 -34.92
C ASP B 53 30.77 22.30 -34.37
N LEU B 54 30.44 22.70 -33.15
CA LEU B 54 29.25 22.22 -32.48
C LEU B 54 28.65 23.33 -31.63
N ILE B 55 27.33 23.44 -31.68
CA ILE B 55 26.57 24.29 -30.77
C ILE B 55 25.77 23.38 -29.87
N VAL B 56 25.95 23.53 -28.56
CA VAL B 56 25.17 22.82 -27.56
C VAL B 56 24.29 23.85 -26.88
N ALA B 57 23.02 23.89 -27.26
CA ALA B 57 22.09 24.93 -26.85
C ALA B 57 21.05 24.35 -25.90
N ASP B 58 21.00 24.88 -24.67
CA ASP B 58 19.92 24.62 -23.72
C ASP B 58 19.25 25.95 -23.40
N PRO B 59 18.55 26.54 -24.35
CA PRO B 59 18.01 27.89 -24.15
C PRO B 59 16.78 27.85 -23.29
N PRO B 60 16.26 29.01 -22.89
CA PRO B 60 14.99 29.04 -22.15
C PRO B 60 13.89 28.36 -22.95
N TYR B 61 13.16 27.47 -22.29
CA TYR B 61 12.07 26.75 -22.94
C TYR B 61 10.86 27.63 -23.19
N GLY B 62 10.71 28.71 -22.44
CA GLY B 62 9.47 29.49 -22.46
C GLY B 62 8.49 28.97 -21.43
N LEU B 63 8.96 28.75 -20.19
CA LEU B 63 8.15 28.11 -19.16
C LEU B 63 8.00 28.92 -17.88
N GLY B 64 8.54 30.13 -17.81
CA GLY B 64 8.35 30.96 -16.65
C GLY B 64 9.33 30.77 -15.53
N LYS B 65 10.48 30.15 -15.79
CA LYS B 65 11.49 29.96 -14.76
C LYS B 65 12.15 31.30 -14.42
N ASP B 66 12.89 31.32 -13.31
CA ASP B 66 13.55 32.52 -12.81
C ASP B 66 15.05 32.26 -12.78
N TYR B 67 15.75 32.71 -13.83
CA TYR B 67 17.20 32.68 -13.88
C TYR B 67 17.83 33.93 -13.28
N GLY B 68 17.16 34.59 -12.34
CA GLY B 68 17.53 35.93 -11.98
C GLY B 68 17.24 36.96 -13.03
N ASN B 69 16.59 36.56 -14.14
CA ASN B 69 16.19 37.47 -15.21
C ASN B 69 14.86 36.97 -15.77
N ASP B 70 14.31 37.73 -16.72
CA ASP B 70 13.01 37.41 -17.31
C ASP B 70 13.14 36.70 -18.65
N SER B 71 14.28 36.07 -18.92
CA SER B 71 14.49 35.46 -20.23
C SER B 71 13.51 34.33 -20.49
N ASP B 72 13.16 33.55 -19.46
CA ASP B 72 12.19 32.48 -19.61
C ASP B 72 10.78 32.92 -19.28
N LYS B 73 10.51 34.22 -19.28
CA LYS B 73 9.15 34.72 -19.08
C LYS B 73 8.42 34.97 -20.40
N ARG B 74 9.13 34.95 -21.52
CA ARG B 74 8.46 35.05 -22.81
C ARG B 74 7.62 33.80 -23.06
N SER B 75 6.73 33.90 -24.05
CA SER B 75 5.94 32.77 -24.48
C SER B 75 5.37 33.08 -25.86
N GLY B 76 4.59 32.13 -26.39
CA GLY B 76 3.92 32.33 -27.65
C GLY B 76 4.80 32.92 -28.74
N ASP B 77 4.18 33.74 -29.60
CA ASP B 77 4.91 34.33 -30.71
C ASP B 77 6.12 35.10 -30.24
N ASP B 78 6.04 35.73 -29.06
CA ASP B 78 7.17 36.46 -28.52
C ASP B 78 8.36 35.53 -28.32
N PHE B 79 8.14 34.42 -27.60
CA PHE B 79 9.21 33.48 -27.32
C PHE B 79 9.77 32.88 -28.61
N LEU B 80 8.89 32.55 -29.56
CA LEU B 80 9.37 31.93 -30.79
C LEU B 80 10.15 32.91 -31.66
N ALA B 81 9.73 34.18 -31.66
CA ALA B 81 10.50 35.20 -32.37
C ALA B 81 11.89 35.33 -31.78
N TRP B 82 11.98 35.42 -30.45
CA TRP B 82 13.29 35.49 -29.80
C TRP B 82 14.12 34.25 -30.13
N THR B 83 13.48 33.09 -30.13
CA THR B 83 14.18 31.83 -30.44
C THR B 83 14.80 31.90 -31.82
N ARG B 84 13.99 32.22 -32.84
CA ARG B 84 14.52 32.24 -34.20
C ARG B 84 15.53 33.36 -34.39
N GLU B 85 15.42 34.44 -33.60
CA GLU B 85 16.41 35.51 -33.68
C GLU B 85 17.79 35.02 -33.24
N TRP B 86 17.89 34.54 -32.01
CA TRP B 86 19.19 34.06 -31.55
C TRP B 86 19.66 32.89 -32.41
N LEU B 87 18.71 32.13 -32.99
CA LEU B 87 19.11 31.04 -33.87
C LEU B 87 19.72 31.56 -35.16
N GLU B 88 19.16 32.62 -35.73
CA GLU B 88 19.73 33.19 -36.94
C GLU B 88 21.11 33.76 -36.69
N LEU B 89 21.34 34.27 -35.47
CA LEU B 89 22.70 34.70 -35.15
C LEU B 89 23.63 33.50 -34.98
N ALA B 90 23.16 32.43 -34.34
CA ALA B 90 24.05 31.33 -33.99
C ALA B 90 24.42 30.47 -35.20
N ILE B 91 23.46 30.22 -36.10
CA ILE B 91 23.69 29.28 -37.20
C ILE B 91 24.93 29.66 -38.01
N PRO B 92 25.07 30.89 -38.52
CA PRO B 92 26.23 31.19 -39.37
C PRO B 92 27.58 30.98 -38.70
N LYS B 93 27.61 30.77 -37.37
CA LYS B 93 28.87 30.45 -36.70
C LYS B 93 29.28 28.99 -36.88
N LEU B 94 28.40 28.15 -37.41
CA LEU B 94 28.69 26.75 -37.59
C LEU B 94 29.50 26.53 -38.86
N LYS B 95 30.62 25.83 -38.74
CA LYS B 95 31.40 25.51 -39.92
C LYS B 95 30.66 24.45 -40.74
N PRO B 96 31.04 24.28 -42.01
CA PRO B 96 30.22 23.43 -42.90
C PRO B 96 30.03 22.02 -42.37
N SER B 97 31.00 21.51 -41.62
CA SER B 97 30.89 20.20 -41.00
C SER B 97 30.18 20.23 -39.66
N GLY B 98 29.62 21.38 -39.28
CA GLY B 98 29.13 21.56 -37.93
C GLY B 98 27.77 20.95 -37.70
N SER B 99 27.40 20.92 -36.42
CA SER B 99 26.14 20.34 -35.98
C SER B 99 25.59 21.16 -34.81
N MET B 100 24.36 20.87 -34.42
CA MET B 100 23.72 21.59 -33.33
C MET B 100 22.77 20.69 -32.56
N TYR B 101 22.82 20.80 -31.24
CA TYR B 101 21.83 20.21 -30.35
C TYR B 101 21.07 21.35 -29.66
N ILE B 102 19.74 21.29 -29.70
CA ILE B 102 18.93 22.35 -29.10
C ILE B 102 17.86 21.69 -28.22
N PHE B 103 17.86 22.06 -26.94
CA PHE B 103 16.83 21.61 -26.01
C PHE B 103 15.59 22.49 -26.13
N CYS B 104 14.44 21.89 -25.86
CA CYS B 104 13.19 22.64 -25.81
C CYS B 104 12.11 21.75 -25.22
N THR B 105 10.91 22.30 -25.16
CA THR B 105 9.72 21.64 -24.64
C THR B 105 8.77 21.35 -25.78
N TRP B 106 8.04 20.25 -25.67
CA TRP B 106 7.08 19.89 -26.70
C TRP B 106 6.12 21.03 -27.01
N GLN B 107 5.89 21.92 -26.04
CA GLN B 107 4.96 23.01 -26.26
C GLN B 107 5.41 23.90 -27.42
N TYR B 108 6.72 24.02 -27.63
CA TYR B 108 7.26 24.85 -28.69
C TYR B 108 8.15 24.07 -29.65
N ALA B 109 8.34 22.77 -29.44
CA ALA B 109 9.23 22.01 -30.30
C ALA B 109 8.75 21.94 -31.75
N PRO B 110 7.47 21.68 -32.04
CA PRO B 110 7.05 21.65 -33.45
C PRO B 110 7.43 22.91 -34.22
N GLU B 111 7.13 24.09 -33.68
CA GLU B 111 7.45 25.33 -34.38
C GLU B 111 8.96 25.50 -34.55
N ILE B 112 9.72 25.26 -33.47
CA ILE B 112 11.16 25.48 -33.51
C ILE B 112 11.80 24.56 -34.53
N PHE B 113 11.48 23.27 -34.47
CA PHE B 113 12.05 22.31 -35.40
C PHE B 113 11.59 22.58 -36.83
N SER B 114 10.34 23.02 -37.01
CA SER B 114 9.88 23.39 -38.34
C SER B 114 10.71 24.54 -38.90
N PHE B 115 11.03 25.53 -38.07
CA PHE B 115 11.83 26.64 -38.57
C PHE B 115 13.26 26.19 -38.87
N LEU B 116 13.83 25.35 -38.02
CA LEU B 116 15.23 24.95 -38.21
C LEU B 116 15.38 24.02 -39.40
N LYS B 117 14.34 23.27 -39.76
CA LYS B 117 14.43 22.42 -40.94
C LYS B 117 14.47 23.21 -42.24
N THR B 118 14.13 24.49 -42.20
CA THR B 118 14.29 25.37 -43.35
C THR B 118 15.73 25.84 -43.53
N GLN B 119 16.51 25.86 -42.45
CA GLN B 119 17.87 26.37 -42.46
C GLN B 119 18.91 25.25 -42.44
N LEU B 120 18.75 24.30 -41.52
CA LEU B 120 19.60 23.13 -41.42
C LEU B 120 18.76 21.89 -41.70
N THR B 121 19.41 20.74 -41.64
CA THR B 121 18.77 19.45 -41.85
C THR B 121 18.75 18.69 -40.54
N MET B 122 17.57 18.16 -40.18
CA MET B 122 17.42 17.43 -38.93
C MET B 122 18.01 16.03 -39.10
N VAL B 123 18.98 15.69 -38.25
CA VAL B 123 19.53 14.35 -38.25
C VAL B 123 18.81 13.46 -37.23
N ASN B 124 18.48 14.01 -36.06
CA ASN B 124 17.81 13.20 -35.04
C ASN B 124 16.91 14.08 -34.19
N GLU B 125 15.87 13.46 -33.65
CA GLU B 125 15.11 14.03 -32.54
C GLU B 125 15.37 13.13 -31.34
N ILE B 126 16.21 13.61 -30.44
CA ILE B 126 16.58 12.86 -29.24
C ILE B 126 15.61 13.24 -28.13
N ILE B 127 15.09 12.23 -27.44
CA ILE B 127 14.18 12.43 -26.32
C ILE B 127 14.96 12.20 -25.04
N TRP B 128 15.11 13.23 -24.23
CA TRP B 128 15.69 13.05 -22.90
C TRP B 128 14.56 12.62 -21.97
N ASP B 129 14.60 11.37 -21.54
CA ASP B 129 13.67 10.83 -20.55
C ASP B 129 14.24 11.11 -19.17
N ARG B 130 13.73 12.16 -18.53
CA ARG B 130 14.27 12.60 -17.25
C ARG B 130 14.00 11.63 -16.10
N ARG B 131 13.19 10.59 -16.33
CA ARG B 131 12.91 9.57 -15.32
C ARG B 131 12.01 10.08 -14.20
N VAL B 132 12.18 11.33 -13.78
CA VAL B 132 11.44 11.93 -12.67
C VAL B 132 10.46 12.95 -13.22
N PRO B 133 9.15 12.81 -12.96
CA PRO B 133 8.17 13.62 -13.69
C PRO B 133 8.06 14.96 -13.01
N SER B 134 7.57 15.94 -13.75
CA SER B 134 7.29 17.25 -13.17
C SER B 134 6.14 17.13 -12.18
N MET B 135 6.16 18.00 -11.17
CA MET B 135 5.12 18.03 -10.15
C MET B 135 4.15 19.18 -10.43
N GLY B 136 3.10 19.25 -9.62
CA GLY B 136 2.08 20.26 -9.80
C GLY B 136 0.76 19.86 -9.18
N GLY B 137 0.17 18.76 -9.67
CA GLY B 137 -1.05 18.25 -9.09
C GLY B 137 -2.12 17.95 -10.12
N THR B 138 -1.77 17.94 -11.40
CA THR B 138 -2.77 17.75 -12.42
C THR B 138 -3.27 16.31 -12.42
N THR B 139 -4.47 16.15 -12.96
CA THR B 139 -4.99 14.83 -13.30
C THR B 139 -5.68 14.87 -14.65
N ARG B 140 -5.47 15.93 -15.43
CA ARG B 140 -6.17 16.17 -16.68
C ARG B 140 -5.30 15.89 -17.90
N ARG B 141 -4.05 15.52 -17.72
CA ARG B 141 -3.17 15.14 -18.83
C ARG B 141 -2.13 14.17 -18.29
N PHE B 142 -1.19 13.80 -19.15
CA PHE B 142 -0.09 12.93 -18.77
C PHE B 142 1.08 13.79 -18.30
N THR B 143 1.68 13.37 -17.18
CA THR B 143 2.69 14.21 -16.54
C THR B 143 3.96 14.25 -17.37
N SER B 144 4.64 15.39 -17.32
CA SER B 144 5.82 15.60 -18.14
C SER B 144 7.01 14.83 -17.57
N VAL B 145 7.74 14.14 -18.44
CA VAL B 145 8.92 13.40 -18.00
C VAL B 145 9.98 13.38 -19.09
N HIS B 146 9.78 14.15 -20.16
CA HIS B 146 10.79 14.20 -21.22
C HIS B 146 10.97 15.62 -21.72
N ASP B 147 12.18 15.88 -22.19
CA ASP B 147 12.53 17.11 -22.89
C ASP B 147 12.96 16.74 -24.30
N ASN B 148 12.82 17.68 -25.24
CA ASN B 148 13.11 17.41 -26.65
C ASN B 148 14.45 18.02 -27.02
N ILE B 149 15.21 17.31 -27.85
CA ILE B 149 16.50 17.80 -28.36
C ILE B 149 16.51 17.61 -29.86
N GLY B 150 16.62 18.72 -30.59
CA GLY B 150 16.82 18.65 -32.03
C GLY B 150 18.30 18.58 -32.34
N PHE B 151 18.67 17.61 -33.18
CA PHE B 151 20.05 17.38 -33.60
C PHE B 151 20.07 17.65 -35.10
N PHE B 152 20.58 18.83 -35.46
CA PHE B 152 20.62 19.36 -36.81
C PHE B 152 22.05 19.44 -37.33
N ALA B 153 22.18 19.57 -38.65
CA ALA B 153 23.48 19.65 -39.31
C ALA B 153 23.40 20.64 -40.47
N VAL B 154 24.50 21.37 -40.69
CA VAL B 154 24.56 22.31 -41.81
C VAL B 154 24.49 21.57 -43.13
N SER B 155 25.43 20.64 -43.33
CA SER B 155 25.58 19.90 -44.57
C SER B 155 25.51 18.41 -44.28
N ARG B 156 25.62 17.61 -45.34
CA ARG B 156 25.55 16.17 -45.21
C ARG B 156 26.87 15.55 -44.78
N ALA B 157 27.96 16.31 -44.81
CA ALA B 157 29.26 15.84 -44.36
C ALA B 157 29.54 16.23 -42.91
N TYR B 158 28.49 16.39 -42.11
CA TYR B 158 28.68 16.78 -40.72
C TYR B 158 29.56 15.77 -40.01
N TYR B 159 30.34 16.27 -39.05
CA TYR B 159 31.16 15.39 -38.23
C TYR B 159 30.30 14.62 -37.25
N PHE B 160 30.59 13.34 -37.09
CA PHE B 160 29.88 12.49 -36.13
C PHE B 160 30.71 11.25 -35.87
N ASP B 161 31.09 11.03 -34.63
CA ASP B 161 31.91 9.88 -34.24
C ASP B 161 31.14 9.08 -33.19
N LEU B 162 30.72 7.87 -33.55
CA LEU B 162 29.92 7.08 -32.64
C LEU B 162 30.76 6.40 -31.56
N ASP B 163 31.99 6.01 -31.90
CA ASP B 163 32.76 5.16 -30.99
C ASP B 163 32.92 5.77 -29.60
N PRO B 164 33.26 7.05 -29.44
CA PRO B 164 33.43 7.57 -28.07
C PRO B 164 32.18 7.43 -27.22
N VAL B 165 30.99 7.40 -27.82
CA VAL B 165 29.74 7.39 -27.07
C VAL B 165 29.05 6.03 -27.07
N ARG B 166 29.63 5.02 -27.73
CA ARG B 166 29.10 3.67 -27.61
C ARG B 166 29.00 3.28 -26.14
N ILE B 167 27.92 2.56 -25.81
CA ILE B 167 27.68 2.13 -24.44
C ILE B 167 28.09 0.66 -24.34
N PRO B 168 29.16 0.33 -23.61
CA PRO B 168 29.57 -1.08 -23.52
C PRO B 168 28.62 -1.88 -22.66
N TYR B 169 28.47 -3.16 -23.03
CA TYR B 169 27.68 -4.07 -22.22
C TYR B 169 28.46 -4.50 -20.98
N ASP B 170 27.73 -4.88 -19.95
CA ASP B 170 28.32 -5.59 -18.83
C ASP B 170 28.21 -7.10 -19.09
N ALA B 171 28.95 -7.87 -18.29
CA ALA B 171 29.05 -9.31 -18.54
C ALA B 171 27.67 -9.94 -18.75
N ASP B 172 26.74 -9.63 -17.86
CA ASP B 172 25.43 -10.27 -17.90
C ASP B 172 24.66 -9.87 -19.16
N THR B 173 24.63 -8.57 -19.47
CA THR B 173 23.85 -8.12 -20.62
C THR B 173 24.47 -8.60 -21.92
N LYS B 174 25.81 -8.56 -22.03
CA LYS B 174 26.43 -9.09 -23.25
C LYS B 174 26.11 -10.57 -23.40
N LYS B 175 26.13 -11.32 -22.29
CA LYS B 175 25.71 -12.72 -22.36
C LYS B 175 24.28 -12.82 -22.88
N ALA B 176 23.39 -11.98 -22.37
CA ALA B 176 21.99 -12.03 -22.78
C ALA B 176 21.79 -11.63 -24.23
N ARG B 177 22.71 -10.86 -24.80
CA ARG B 177 22.57 -10.36 -26.17
C ARG B 177 23.37 -11.15 -27.18
N SER B 178 24.33 -11.96 -26.75
CA SER B 178 25.25 -12.60 -27.67
C SER B 178 24.55 -13.75 -28.39
N ARG B 179 24.71 -13.76 -29.70
CA ARG B 179 24.31 -14.88 -30.55
C ARG B 179 25.36 -15.02 -31.62
N LYS B 180 25.56 -16.25 -32.10
CA LYS B 180 26.59 -16.48 -33.11
C LYS B 180 26.41 -15.54 -34.29
N LEU B 181 25.16 -15.22 -34.64
CA LEU B 181 24.92 -14.28 -35.72
C LEU B 181 25.51 -12.91 -35.40
N PHE B 182 25.53 -12.53 -34.13
CA PHE B 182 26.01 -11.21 -33.71
C PHE B 182 27.47 -11.22 -33.28
N GLU B 183 28.06 -12.39 -33.07
CA GLU B 183 29.41 -12.44 -32.51
C GLU B 183 30.39 -11.69 -33.40
N GLY B 184 31.24 -10.87 -32.78
CA GLY B 184 32.19 -10.06 -33.50
C GLY B 184 31.63 -8.77 -34.04
N SER B 185 30.33 -8.53 -33.93
CA SER B 185 29.75 -7.29 -34.39
C SER B 185 30.24 -6.13 -33.52
N LYS B 186 30.38 -4.97 -34.15
CA LYS B 186 30.90 -3.82 -33.44
C LYS B 186 30.01 -3.42 -32.28
N TRP B 187 28.69 -3.50 -32.46
CA TRP B 187 27.78 -3.04 -31.41
C TRP B 187 27.80 -3.97 -30.20
N LEU B 188 28.08 -5.26 -30.42
CA LEU B 188 28.10 -6.22 -29.32
C LEU B 188 29.44 -6.22 -28.60
N GLU B 189 30.54 -6.18 -29.35
CA GLU B 189 31.86 -6.28 -28.74
C GLU B 189 32.33 -4.93 -28.20
N MET B 190 32.07 -3.84 -28.92
CA MET B 190 32.49 -2.52 -28.47
C MET B 190 31.42 -1.83 -27.64
N GLY B 191 30.17 -1.86 -28.09
CA GLY B 191 29.07 -1.23 -27.39
C GLY B 191 28.07 -0.68 -28.39
N TYR B 192 26.86 -0.44 -27.91
CA TYR B 192 25.73 -0.13 -28.77
C TYR B 192 25.50 1.37 -28.91
N ASN B 193 24.63 1.71 -29.85
CA ASN B 193 24.23 3.09 -30.07
C ASN B 193 23.39 3.57 -28.89
N PRO B 194 23.67 4.74 -28.31
CA PRO B 194 22.81 5.24 -27.22
C PRO B 194 21.37 5.46 -27.62
N LYS B 195 21.05 5.41 -28.92
CA LYS B 195 19.68 5.54 -29.42
C LYS B 195 19.17 6.97 -29.24
N ASP B 196 18.02 7.30 -29.83
CA ASP B 196 17.46 8.64 -29.74
C ASP B 196 16.48 8.79 -28.58
N VAL B 197 16.56 7.92 -27.58
CA VAL B 197 15.95 8.15 -26.28
C VAL B 197 17.03 7.94 -25.23
N TRP B 198 17.27 8.96 -24.41
CA TRP B 198 18.30 8.92 -23.38
C TRP B 198 17.63 8.95 -22.01
N SER B 199 17.63 7.81 -21.32
CA SER B 199 16.96 7.70 -20.02
C SER B 199 17.99 7.97 -18.92
N VAL B 200 18.24 9.26 -18.68
CA VAL B 200 19.17 9.71 -17.67
C VAL B 200 18.40 10.55 -16.67
N SER B 201 18.42 10.15 -15.40
CA SER B 201 17.59 10.80 -14.40
C SER B 201 18.04 12.25 -14.21
N ARG B 202 17.07 13.14 -14.01
CA ARG B 202 17.37 14.52 -13.67
C ARG B 202 18.18 14.57 -12.38
N LEU B 203 18.87 15.69 -12.18
CA LEU B 203 19.80 15.82 -11.06
C LEU B 203 19.04 16.27 -9.81
N HIS B 204 18.99 15.39 -8.82
CA HIS B 204 18.46 15.76 -7.51
C HIS B 204 19.23 16.94 -6.95
N ARG B 205 18.54 17.79 -6.18
CA ARG B 205 19.18 18.96 -5.60
C ARG B 205 20.40 18.57 -4.78
N GLN B 206 20.32 17.45 -4.04
CA GLN B 206 21.41 16.97 -3.22
C GLN B 206 22.42 16.12 -4.00
N HIS B 207 22.16 15.83 -5.27
CA HIS B 207 23.13 15.10 -6.08
C HIS B 207 24.48 15.81 -6.06
N ALA B 208 25.55 15.02 -6.05
CA ALA B 208 26.89 15.59 -5.92
C ALA B 208 27.22 16.55 -7.06
N GLU B 209 26.73 16.24 -8.27
CA GLU B 209 26.95 17.09 -9.43
C GLU B 209 26.11 18.35 -9.41
N ARG B 210 25.07 18.41 -8.58
CA ARG B 210 24.14 19.53 -8.63
C ARG B 210 24.77 20.80 -8.08
N VAL B 211 24.51 21.91 -8.77
CA VAL B 211 24.92 23.24 -8.33
C VAL B 211 23.67 24.13 -8.26
N ASP B 212 23.85 25.29 -7.65
CA ASP B 212 22.74 26.21 -7.41
C ASP B 212 22.31 26.83 -8.74
N HIS B 213 21.60 26.05 -9.54
CA HIS B 213 21.05 26.53 -10.79
C HIS B 213 19.71 25.85 -11.03
N PRO B 214 18.69 26.59 -11.48
CA PRO B 214 17.34 26.01 -11.51
C PRO B 214 17.16 24.87 -12.49
N THR B 215 17.87 24.88 -13.62
CA THR B 215 17.63 23.95 -14.72
C THR B 215 18.94 23.35 -15.21
N GLN B 216 19.71 22.76 -14.30
CA GLN B 216 21.01 22.18 -14.65
C GLN B 216 20.82 20.86 -15.38
N LYS B 217 21.65 20.63 -16.40
CA LYS B 217 21.51 19.42 -17.18
C LYS B 217 22.57 18.40 -16.80
N PRO B 218 22.21 17.12 -16.72
CA PRO B 218 23.22 16.11 -16.37
C PRO B 218 24.40 16.16 -17.32
N LEU B 219 25.60 16.11 -16.74
CA LEU B 219 26.82 16.11 -17.54
C LEU B 219 26.90 14.91 -18.46
N GLU B 220 26.23 13.81 -18.12
CA GLU B 220 26.27 12.60 -18.95
C GLU B 220 25.87 12.90 -20.40
N ILE B 221 24.69 13.50 -20.58
CA ILE B 221 24.17 13.70 -21.93
C ILE B 221 24.97 14.76 -22.68
N ILE B 222 25.36 15.84 -21.99
CA ILE B 222 26.13 16.89 -22.64
C ILE B 222 27.47 16.35 -23.12
N GLU B 223 28.11 15.53 -22.28
CA GLU B 223 29.34 14.87 -22.71
C GLU B 223 29.10 13.99 -23.91
N ARG B 224 27.97 13.27 -23.92
CA ARG B 224 27.66 12.45 -25.09
C ARG B 224 27.64 13.31 -26.36
N MET B 225 27.00 14.48 -26.28
CA MET B 225 26.94 15.35 -27.46
C MET B 225 28.34 15.79 -27.86
N VAL B 226 29.10 16.33 -26.89
CA VAL B 226 30.44 16.82 -27.18
C VAL B 226 31.28 15.73 -27.84
N LEU B 227 31.15 14.50 -27.35
CA LEU B 227 32.00 13.42 -27.82
C LEU B 227 31.58 12.95 -29.21
N ALA B 228 30.29 12.87 -29.47
CA ALA B 228 29.85 12.32 -30.75
C ALA B 228 29.92 13.34 -31.87
N SER B 229 29.79 14.63 -31.57
CA SER B 229 29.63 15.64 -32.62
C SER B 229 30.73 16.69 -32.66
N CYS B 230 31.75 16.61 -31.80
CA CYS B 230 32.85 17.57 -31.85
C CYS B 230 34.17 16.80 -31.88
N PRO B 231 35.02 17.01 -32.88
CA PRO B 231 36.33 16.33 -32.87
C PRO B 231 37.16 16.83 -31.71
N PRO B 232 38.10 16.03 -31.22
CA PRO B 232 38.99 16.51 -30.16
C PRO B 232 39.73 17.77 -30.63
N GLY B 233 39.71 18.80 -29.78
CA GLY B 233 40.26 20.09 -30.12
C GLY B 233 39.28 21.04 -30.78
N GLY B 234 38.20 20.54 -31.35
CA GLY B 234 37.20 21.41 -31.95
C GLY B 234 36.61 22.37 -30.95
N ARG B 235 35.88 23.35 -31.48
CA ARG B 235 35.28 24.41 -30.67
C ARG B 235 33.79 24.19 -30.54
N VAL B 236 33.30 24.28 -29.31
CA VAL B 236 31.88 24.17 -28.99
C VAL B 236 31.41 25.54 -28.54
N LEU B 237 30.15 25.86 -28.86
CA LEU B 237 29.53 27.10 -28.45
C LEU B 237 28.29 26.79 -27.64
N ASP B 238 28.20 27.38 -26.45
CA ASP B 238 27.03 27.30 -25.58
C ASP B 238 26.51 28.72 -25.38
N PRO B 239 25.58 29.18 -26.21
CA PRO B 239 25.10 30.57 -26.09
C PRO B 239 24.32 30.85 -24.81
N PHE B 240 24.00 29.83 -24.02
CA PHE B 240 23.22 29.99 -22.80
C PHE B 240 23.71 28.96 -21.78
N MET B 241 24.96 29.11 -21.35
CA MET B 241 25.65 28.01 -20.70
C MET B 241 25.23 27.78 -19.26
N GLY B 242 24.56 28.75 -18.63
CA GLY B 242 24.12 28.57 -17.26
C GLY B 242 25.25 28.19 -16.32
N SER B 243 25.16 27.01 -15.71
CA SER B 243 26.18 26.55 -14.77
C SER B 243 27.43 26.03 -15.46
N GLY B 244 27.50 26.06 -16.79
CA GLY B 244 28.72 25.70 -17.48
C GLY B 244 28.92 24.21 -17.69
N THR B 245 27.85 23.41 -17.62
CA THR B 245 28.00 21.97 -17.80
C THR B 245 28.75 21.65 -19.09
N THR B 246 28.48 22.39 -20.17
CA THR B 246 29.18 22.15 -21.42
C THR B 246 30.65 22.54 -21.32
N ALA B 247 30.94 23.62 -20.59
CA ALA B 247 32.33 23.96 -20.33
C ALA B 247 33.05 22.80 -19.65
N VAL B 248 32.38 22.17 -18.68
CA VAL B 248 33.00 21.05 -17.97
C VAL B 248 33.21 19.88 -18.92
N ALA B 249 32.20 19.55 -19.74
CA ALA B 249 32.34 18.47 -20.71
C ALA B 249 33.55 18.70 -21.61
N CYS B 250 33.65 19.91 -22.17
CA CYS B 250 34.75 20.21 -23.08
C CYS B 250 36.09 20.12 -22.37
N ALA B 251 36.18 20.65 -21.14
CA ALA B 251 37.42 20.56 -20.39
C ALA B 251 37.82 19.11 -20.18
N ARG B 252 36.87 18.27 -19.79
CA ARG B 252 37.19 16.88 -19.51
C ARG B 252 37.58 16.11 -20.77
N GLN B 253 37.03 16.49 -21.93
CA GLN B 253 37.20 15.72 -23.14
C GLN B 253 38.09 16.38 -24.18
N GLY B 254 38.79 17.45 -23.82
CA GLY B 254 39.78 18.01 -24.73
C GLY B 254 39.16 18.72 -25.92
N ARG B 255 38.11 19.50 -25.69
CA ARG B 255 37.53 20.36 -26.70
C ARG B 255 37.68 21.81 -26.25
N ASP B 256 37.64 22.73 -27.22
CA ASP B 256 37.63 24.15 -26.91
C ASP B 256 36.19 24.58 -26.67
N PHE B 257 36.01 25.57 -25.80
CA PHE B 257 34.68 25.98 -25.40
C PHE B 257 34.54 27.49 -25.48
N VAL B 258 33.33 27.91 -25.83
CA VAL B 258 32.89 29.30 -25.71
C VAL B 258 31.50 29.28 -25.12
N GLY B 259 31.22 30.20 -24.21
CA GLY B 259 29.94 30.20 -23.53
C GLY B 259 29.50 31.61 -23.20
N TYR B 260 28.19 31.81 -23.21
CA TYR B 260 27.59 33.09 -22.83
C TYR B 260 26.52 32.85 -21.76
N GLU B 261 26.53 33.71 -20.75
CA GLU B 261 25.56 33.62 -19.66
C GLU B 261 25.40 35.01 -19.06
N ILE B 262 24.16 35.51 -19.04
CA ILE B 262 23.91 36.87 -18.59
C ILE B 262 23.96 37.00 -17.07
N ASN B 263 23.82 35.90 -16.34
CA ASN B 263 23.80 35.93 -14.88
C ASN B 263 25.19 35.64 -14.35
N GLU B 264 25.72 36.57 -13.56
CA GLU B 264 27.09 36.43 -13.10
C GLU B 264 27.25 35.35 -12.05
N SER B 265 26.21 35.08 -11.26
CA SER B 265 26.30 34.00 -10.29
C SER B 265 26.50 32.66 -10.98
N TYR B 266 25.67 32.37 -11.98
CA TYR B 266 25.83 31.16 -12.77
C TYR B 266 27.21 31.13 -13.44
N CYS B 267 27.67 32.27 -13.92
CA CYS B 267 28.97 32.34 -14.57
C CYS B 267 30.10 31.99 -13.61
N ALA B 268 30.02 32.51 -12.38
CA ALA B 268 31.01 32.17 -11.37
C ALA B 268 30.96 30.69 -11.03
N ILE B 269 29.76 30.14 -10.89
CA ILE B 269 29.62 28.70 -10.66
C ILE B 269 30.33 27.93 -11.76
N ALA B 270 30.17 28.37 -13.01
CA ALA B 270 30.83 27.69 -14.13
C ALA B 270 32.34 27.74 -13.97
N HIS B 271 32.87 28.92 -13.64
CA HIS B 271 34.30 29.04 -13.31
C HIS B 271 34.71 27.99 -12.30
N GLU B 272 33.97 27.92 -11.19
CA GLU B 272 34.31 26.98 -10.12
C GLU B 272 34.33 25.56 -10.65
N ARG B 273 33.23 25.13 -11.28
CA ARG B 273 33.14 23.78 -11.82
C ARG B 273 34.33 23.44 -12.70
N VAL B 274 34.75 24.38 -13.54
CA VAL B 274 35.85 24.08 -14.46
C VAL B 274 37.17 23.97 -13.70
N ASN B 275 37.45 24.92 -12.81
CA ASN B 275 38.75 24.95 -12.15
C ASN B 275 38.97 23.76 -11.22
N ALA B 276 37.90 23.06 -10.82
CA ALA B 276 38.00 21.92 -9.92
C ALA B 276 38.39 20.62 -10.63
N LEU B 277 38.94 20.70 -11.84
CA LEU B 277 39.31 19.50 -12.58
C LEU B 277 40.83 19.29 -12.57
N LEU C 35 9.67 -22.70 6.15
CA LEU C 35 10.54 -22.08 7.15
C LEU C 35 11.48 -21.09 6.49
N HIS C 36 11.25 -19.80 6.73
CA HIS C 36 11.95 -18.74 6.00
C HIS C 36 12.49 -17.71 6.98
N ASN C 37 13.81 -17.54 6.97
CA ASN C 37 14.47 -16.42 7.64
C ASN C 37 14.25 -15.18 6.77
N ARG C 38 13.05 -14.61 6.88
CA ARG C 38 12.66 -13.48 6.04
C ARG C 38 11.56 -12.71 6.75
N ASP C 39 11.68 -11.39 6.76
CA ASP C 39 10.63 -10.54 7.28
C ASP C 39 9.30 -10.88 6.62
N PHE C 40 8.29 -11.18 7.43
CA PHE C 40 6.97 -11.45 6.87
C PHE C 40 6.44 -10.25 6.10
N LEU C 41 6.69 -9.05 6.60
CA LEU C 41 6.19 -7.84 5.96
C LEU C 41 6.90 -7.53 4.65
N THR C 42 7.78 -8.42 4.18
CA THR C 42 8.46 -8.27 2.90
C THR C 42 8.24 -9.45 1.96
N ASP C 43 8.02 -10.65 2.48
CA ASP C 43 7.82 -11.83 1.66
C ASP C 43 6.35 -12.12 1.37
N ALA C 44 5.41 -11.48 2.07
CA ALA C 44 4.00 -11.79 1.89
C ALA C 44 3.61 -11.77 0.43
N ALA C 45 4.19 -10.84 -0.35
CA ALA C 45 4.00 -10.85 -1.80
C ALA C 45 4.17 -12.25 -2.37
N HIS C 46 5.27 -12.92 -2.02
CA HIS C 46 5.58 -14.25 -2.55
C HIS C 46 4.81 -15.32 -1.79
N LEU C 47 3.48 -15.21 -1.81
CA LEU C 47 2.61 -16.17 -1.11
C LEU C 47 1.22 -15.97 -1.71
N PRO C 48 0.68 -16.89 -2.53
CA PRO C 48 -0.59 -16.66 -3.18
C PRO C 48 -1.66 -16.21 -2.21
N ASP C 49 -2.66 -15.48 -2.71
CA ASP C 49 -3.81 -15.09 -1.86
C ASP C 49 -4.79 -16.26 -1.92
N ALA C 50 -5.78 -16.33 -1.02
CA ALA C 50 -6.69 -17.48 -0.93
C ALA C 50 -5.82 -18.74 -0.98
N SER C 51 -4.78 -18.79 -0.14
CA SER C 51 -3.80 -19.90 -0.13
C SER C 51 -3.63 -20.53 1.27
N ILE C 52 -4.25 -20.00 2.33
CA ILE C 52 -4.04 -20.47 3.72
C ILE C 52 -5.40 -20.79 4.34
N ASP C 53 -5.50 -21.91 5.07
CA ASP C 53 -6.77 -22.35 5.70
C ASP C 53 -6.85 -21.80 7.12
N LEU C 54 -5.71 -21.55 7.76
CA LEU C 54 -5.67 -21.03 9.15
C LEU C 54 -4.36 -20.27 9.37
N ILE C 55 -4.40 -19.13 10.08
CA ILE C 55 -3.15 -18.41 10.44
C ILE C 55 -3.02 -18.47 11.97
N VAL C 56 -1.97 -19.09 12.48
CA VAL C 56 -1.69 -19.16 13.94
C VAL C 56 -0.73 -18.00 14.21
N ALA C 57 -1.24 -16.86 14.63
CA ALA C 57 -0.44 -15.63 14.83
C ALA C 57 -0.03 -15.42 16.28
N ASP C 58 1.26 -15.53 16.61
CA ASP C 58 1.83 -15.16 17.90
C ASP C 58 2.78 -13.98 17.69
N PRO C 59 2.28 -12.77 17.53
CA PRO C 59 3.15 -11.65 17.22
C PRO C 59 3.66 -10.98 18.48
N PRO C 60 4.57 -10.02 18.34
CA PRO C 60 4.98 -9.22 19.49
C PRO C 60 3.78 -8.57 20.17
N TYR C 61 3.70 -8.75 21.50
CA TYR C 61 2.58 -8.20 22.26
C TYR C 61 2.65 -6.69 22.42
N GLY C 62 3.85 -6.10 22.28
CA GLY C 62 4.07 -4.72 22.65
C GLY C 62 4.67 -4.53 24.02
N LEU C 63 5.12 -5.61 24.66
CA LEU C 63 5.60 -5.59 26.04
C LEU C 63 7.12 -5.78 25.99
N GLY C 64 7.85 -4.68 25.82
CA GLY C 64 9.33 -4.69 25.74
C GLY C 64 10.02 -6.00 26.01
N LYS C 65 10.47 -6.70 24.97
CA LYS C 65 11.25 -7.95 25.15
C LYS C 65 12.35 -7.99 24.09
N ASP C 66 13.35 -8.85 24.26
CA ASP C 66 14.51 -8.87 23.31
C ASP C 66 14.09 -9.53 21.98
N TYR C 67 14.14 -10.86 21.90
CA TYR C 67 13.77 -11.60 20.65
C TYR C 67 14.86 -11.37 19.60
N GLY C 68 16.07 -10.97 20.03
CA GLY C 68 17.20 -10.71 19.12
C GLY C 68 16.97 -9.50 18.26
N ASN C 69 15.78 -8.93 18.33
CA ASN C 69 15.41 -7.80 17.44
C ASN C 69 14.77 -6.70 18.27
N ASP C 70 14.06 -5.77 17.61
CA ASP C 70 13.31 -4.71 18.33
C ASP C 70 11.84 -4.84 17.98
N SER C 71 11.36 -6.04 17.62
CA SER C 71 9.97 -6.20 17.22
C SER C 71 9.01 -5.85 18.36
N ASP C 72 9.29 -6.32 19.57
CA ASP C 72 8.43 -6.10 20.71
C ASP C 72 8.77 -4.82 21.46
N LYS C 73 9.44 -3.87 20.81
CA LYS C 73 9.83 -2.61 21.42
C LYS C 73 8.88 -1.47 20.99
N ARG C 74 7.69 -1.80 20.54
CA ARG C 74 6.73 -0.78 20.16
C ARG C 74 5.74 -0.54 21.30
N SER C 75 4.95 0.52 21.14
CA SER C 75 4.09 0.98 22.23
C SER C 75 2.94 1.77 21.64
N GLY C 76 1.82 1.78 22.38
CA GLY C 76 0.67 2.56 22.03
C GLY C 76 0.33 2.53 20.55
N ASP C 77 0.02 3.70 20.00
CA ASP C 77 -0.50 3.78 18.65
C ASP C 77 0.52 3.35 17.60
N ASP C 78 1.81 3.44 17.90
CA ASP C 78 2.81 2.96 16.93
C ASP C 78 2.77 1.44 16.83
N PHE C 79 2.77 0.75 17.98
CA PHE C 79 2.58 -0.70 17.96
C PHE C 79 1.29 -1.06 17.25
N LEU C 80 0.20 -0.38 17.61
CA LEU C 80 -1.10 -0.68 17.02
C LEU C 80 -1.06 -0.50 15.50
N ALA C 81 -0.36 0.53 15.02
CA ALA C 81 -0.20 0.74 13.60
C ALA C 81 0.53 -0.43 12.95
N TRP C 82 1.73 -0.74 13.43
CA TRP C 82 2.52 -1.84 12.85
C TRP C 82 1.72 -3.13 12.81
N THR C 83 0.93 -3.38 13.86
CA THR C 83 0.11 -4.59 13.91
C THR C 83 -0.97 -4.55 12.83
N ARG C 84 -1.65 -3.41 12.70
CA ARG C 84 -2.62 -3.26 11.60
C ARG C 84 -1.96 -3.51 10.25
N GLU C 85 -0.71 -3.07 10.09
CA GLU C 85 -0.03 -3.23 8.82
C GLU C 85 0.16 -4.69 8.47
N TRP C 86 0.76 -5.46 9.39
CA TRP C 86 0.98 -6.87 9.04
C TRP C 86 -0.36 -7.62 8.97
N LEU C 87 -1.37 -7.20 9.73
CA LEU C 87 -2.67 -7.84 9.63
C LEU C 87 -3.38 -7.53 8.32
N GLU C 88 -3.02 -6.42 7.67
CA GLU C 88 -3.56 -6.16 6.33
C GLU C 88 -2.75 -6.89 5.26
N LEU C 89 -1.43 -6.96 5.45
CA LEU C 89 -0.58 -7.66 4.50
C LEU C 89 -0.79 -9.18 4.54
N ALA C 90 -1.36 -9.70 5.63
CA ALA C 90 -1.49 -11.14 5.81
C ALA C 90 -2.89 -11.68 5.52
N ILE C 91 -3.93 -10.96 5.89
CA ILE C 91 -5.33 -11.48 5.78
C ILE C 91 -5.63 -11.98 4.35
N PRO C 92 -5.30 -11.26 3.26
CA PRO C 92 -5.68 -11.72 1.93
C PRO C 92 -5.24 -13.14 1.62
N LYS C 93 -4.20 -13.65 2.30
CA LYS C 93 -3.64 -15.00 2.06
C LYS C 93 -4.59 -16.07 2.62
N LEU C 94 -5.60 -15.70 3.39
CA LEU C 94 -6.59 -16.66 3.92
C LEU C 94 -7.57 -16.99 2.81
N LYS C 95 -8.29 -18.12 2.92
CA LYS C 95 -9.23 -18.59 1.86
C LYS C 95 -10.67 -18.33 2.29
N PRO C 96 -11.70 -18.57 1.45
CA PRO C 96 -13.09 -18.41 1.86
C PRO C 96 -13.43 -19.00 3.22
N SER C 97 -13.08 -20.26 3.49
CA SER C 97 -13.28 -20.83 4.85
C SER C 97 -12.53 -19.90 5.81
N GLY C 98 -11.20 -19.96 5.84
CA GLY C 98 -10.35 -19.01 6.59
C GLY C 98 -10.63 -18.88 8.06
N SER C 99 -9.61 -19.11 8.88
CA SER C 99 -9.74 -18.86 10.34
C SER C 99 -8.41 -18.24 10.77
N MET C 100 -8.38 -17.63 11.95
CA MET C 100 -7.11 -17.06 12.46
C MET C 100 -7.16 -16.96 13.98
N TYR C 101 -6.06 -17.30 14.63
CA TYR C 101 -5.94 -17.16 16.11
C TYR C 101 -4.87 -16.12 16.34
N ILE C 102 -5.18 -15.02 17.02
CA ILE C 102 -4.20 -13.90 17.25
C ILE C 102 -3.90 -13.80 18.75
N PHE C 103 -2.65 -13.91 19.15
CA PHE C 103 -2.26 -13.74 20.55
C PHE C 103 -1.98 -12.27 20.84
N CYS C 104 -2.42 -11.80 22.00
CA CYS C 104 -2.09 -10.46 22.44
C CYS C 104 -2.31 -10.37 23.94
N THR C 105 -1.92 -9.22 24.49
CA THR C 105 -2.15 -8.90 25.88
C THR C 105 -3.46 -8.13 26.04
N TRP C 106 -3.99 -8.17 27.26
CA TRP C 106 -5.17 -7.36 27.56
C TRP C 106 -4.94 -5.89 27.29
N GLN C 107 -3.69 -5.44 27.26
CA GLN C 107 -3.42 -4.01 27.14
C GLN C 107 -3.76 -3.50 25.74
N TYR C 108 -3.45 -4.28 24.70
CA TYR C 108 -3.76 -3.89 23.33
C TYR C 108 -4.89 -4.70 22.72
N ALA C 109 -5.34 -5.78 23.37
CA ALA C 109 -6.37 -6.63 22.78
C ALA C 109 -7.65 -5.86 22.42
N PRO C 110 -8.15 -4.93 23.24
CA PRO C 110 -9.40 -4.25 22.86
C PRO C 110 -9.33 -3.61 21.48
N GLU C 111 -8.31 -2.79 21.24
CA GLU C 111 -8.19 -2.10 19.96
C GLU C 111 -8.00 -3.09 18.81
N ILE C 112 -7.21 -4.14 19.03
CA ILE C 112 -6.93 -5.09 17.96
C ILE C 112 -8.19 -5.84 17.57
N PHE C 113 -8.91 -6.40 18.55
CA PHE C 113 -10.15 -7.08 18.24
C PHE C 113 -11.18 -6.12 17.64
N SER C 114 -11.16 -4.85 18.04
CA SER C 114 -12.06 -3.87 17.44
C SER C 114 -11.75 -3.68 15.96
N PHE C 115 -10.47 -3.55 15.63
CA PHE C 115 -10.09 -3.38 14.22
C PHE C 115 -10.44 -4.63 13.41
N LEU C 116 -10.21 -5.81 13.97
CA LEU C 116 -10.46 -7.03 13.23
C LEU C 116 -11.94 -7.37 13.11
N LYS C 117 -12.78 -6.84 14.00
CA LYS C 117 -14.22 -7.03 13.83
C LYS C 117 -14.76 -6.23 12.66
N THR C 118 -14.12 -5.09 12.35
CA THR C 118 -14.53 -4.31 11.18
C THR C 118 -14.33 -5.10 9.89
N GLN C 119 -13.30 -5.96 9.84
CA GLN C 119 -12.92 -6.66 8.64
C GLN C 119 -13.21 -8.15 8.68
N LEU C 120 -13.36 -8.73 9.87
CA LEU C 120 -13.59 -10.15 10.03
C LEU C 120 -14.67 -10.36 11.08
N THR C 121 -15.12 -11.61 11.23
CA THR C 121 -16.09 -11.95 12.26
C THR C 121 -15.37 -12.64 13.42
N MET C 122 -15.57 -12.11 14.63
CA MET C 122 -15.00 -12.71 15.82
C MET C 122 -15.84 -13.91 16.21
N VAL C 123 -15.28 -15.10 16.03
CA VAL C 123 -15.96 -16.31 16.47
C VAL C 123 -15.86 -16.44 17.99
N ASN C 124 -14.68 -16.20 18.55
CA ASN C 124 -14.49 -16.46 19.98
C ASN C 124 -13.38 -15.60 20.56
N GLU C 125 -13.43 -15.46 21.89
CA GLU C 125 -12.31 -14.95 22.68
C GLU C 125 -11.82 -16.09 23.57
N ILE C 126 -10.65 -16.63 23.24
CA ILE C 126 -10.02 -17.68 24.04
C ILE C 126 -9.08 -17.01 25.03
N ILE C 127 -9.09 -17.47 26.27
CA ILE C 127 -8.19 -16.94 27.29
C ILE C 127 -7.20 -18.04 27.66
N TRP C 128 -5.93 -17.80 27.36
CA TRP C 128 -4.89 -18.71 27.82
C TRP C 128 -4.61 -18.40 29.28
N ASP C 129 -5.15 -19.22 30.17
CA ASP C 129 -4.89 -19.13 31.60
C ASP C 129 -3.56 -19.82 31.86
N ARG C 130 -2.49 -19.04 31.95
CA ARG C 130 -1.15 -19.59 32.07
C ARG C 130 -0.88 -20.18 33.45
N ARG C 131 -1.80 -20.04 34.41
CA ARG C 131 -1.64 -20.61 35.74
CA ARG C 131 -1.63 -20.62 35.74
C ARG C 131 -0.51 -19.93 36.50
N VAL C 132 0.66 -19.83 35.90
CA VAL C 132 1.81 -19.19 36.54
C VAL C 132 1.72 -17.69 36.34
N PRO C 133 1.67 -16.89 37.40
CA PRO C 133 1.53 -15.44 37.22
C PRO C 133 2.87 -14.80 36.88
N SER C 134 2.81 -13.79 36.01
CA SER C 134 4.01 -12.99 35.78
C SER C 134 4.45 -12.37 37.09
N MET C 135 5.71 -11.96 37.14
CA MET C 135 6.33 -11.44 38.35
C MET C 135 6.67 -9.97 38.17
N GLY C 136 7.16 -9.38 39.26
CA GLY C 136 7.52 -7.97 39.26
C GLY C 136 7.70 -7.42 40.67
N GLY C 137 6.64 -7.52 41.48
CA GLY C 137 6.69 -7.02 42.84
C GLY C 137 5.54 -6.09 43.18
N THR C 138 4.51 -6.07 42.33
CA THR C 138 3.42 -5.13 42.49
C THR C 138 2.47 -5.57 43.60
N THR C 139 1.79 -4.57 44.17
CA THR C 139 0.68 -4.81 45.09
C THR C 139 -0.46 -3.85 44.80
N ARG C 140 -0.48 -3.25 43.60
CA ARG C 140 -1.41 -2.19 43.26
C ARG C 140 -2.29 -2.55 42.06
N ARG C 141 -2.38 -3.83 41.73
CA ARG C 141 -3.29 -4.31 40.71
C ARG C 141 -3.37 -5.82 40.85
N PHE C 142 -4.15 -6.45 39.97
CA PHE C 142 -4.28 -7.89 39.95
C PHE C 142 -3.24 -8.48 39.00
N THR C 143 -2.54 -9.51 39.47
CA THR C 143 -1.38 -10.02 38.77
C THR C 143 -1.75 -10.68 37.45
N SER C 144 -0.82 -10.63 36.50
CA SER C 144 -1.06 -11.14 35.15
C SER C 144 -0.86 -12.65 35.12
N VAL C 145 -1.83 -13.36 34.54
CA VAL C 145 -1.78 -14.81 34.47
C VAL C 145 -2.46 -15.33 33.22
N HIS C 146 -2.97 -14.41 32.39
CA HIS C 146 -3.73 -14.81 31.21
C HIS C 146 -3.31 -13.99 30.01
N ASP C 147 -3.29 -14.64 28.85
CA ASP C 147 -3.14 -13.98 27.56
C ASP C 147 -4.45 -14.08 26.81
N ASN C 148 -4.68 -13.11 25.91
CA ASN C 148 -5.90 -13.06 25.12
C ASN C 148 -5.63 -13.62 23.74
N ILE C 149 -6.59 -14.37 23.21
CA ILE C 149 -6.51 -14.99 21.90
C ILE C 149 -7.80 -14.67 21.16
N GLY C 150 -7.67 -13.99 20.02
CA GLY C 150 -8.83 -13.67 19.18
C GLY C 150 -9.02 -14.73 18.12
N PHE C 151 -10.16 -15.43 18.14
CA PHE C 151 -10.50 -16.42 17.09
C PHE C 151 -11.33 -15.65 16.09
N PHE C 152 -10.87 -15.49 14.86
CA PHE C 152 -11.60 -14.68 13.83
C PHE C 152 -11.76 -15.52 12.58
N ALA C 153 -12.75 -15.23 11.74
CA ALA C 153 -13.00 -16.06 10.57
C ALA C 153 -13.63 -15.23 9.46
N VAL C 154 -13.46 -15.71 8.23
CA VAL C 154 -13.85 -14.94 7.06
C VAL C 154 -15.36 -14.98 6.84
N SER C 155 -15.98 -16.13 7.01
CA SER C 155 -17.38 -16.32 6.66
C SER C 155 -18.08 -17.13 7.74
N ARG C 156 -19.41 -17.06 7.74
CA ARG C 156 -20.21 -17.88 8.65
C ARG C 156 -20.01 -19.37 8.41
N ALA C 157 -19.45 -19.75 7.25
CA ALA C 157 -19.17 -21.14 6.94
C ALA C 157 -17.68 -21.47 7.07
N TYR C 158 -16.98 -20.76 7.95
CA TYR C 158 -15.62 -21.12 8.31
C TYR C 158 -15.52 -22.60 8.62
N TYR C 159 -14.35 -23.18 8.35
CA TYR C 159 -14.11 -24.57 8.71
C TYR C 159 -13.88 -24.68 10.21
N PHE C 160 -14.56 -25.64 10.83
CA PHE C 160 -14.36 -25.93 12.24
C PHE C 160 -14.73 -27.39 12.50
N ASP C 161 -13.81 -28.13 13.10
CA ASP C 161 -14.04 -29.53 13.47
C ASP C 161 -13.74 -29.67 14.96
N LEU C 162 -14.79 -29.76 15.78
CA LEU C 162 -14.60 -29.86 17.22
C LEU C 162 -14.07 -31.23 17.63
N ASP C 163 -14.35 -32.25 16.83
CA ASP C 163 -14.13 -33.63 17.30
C ASP C 163 -12.67 -33.96 17.58
N PRO C 164 -11.65 -33.61 16.77
CA PRO C 164 -10.29 -34.00 17.09
C PRO C 164 -9.75 -33.34 18.36
N VAL C 165 -10.35 -32.22 18.76
CA VAL C 165 -9.83 -31.44 19.92
C VAL C 165 -10.72 -31.68 21.14
N ARG C 166 -11.75 -32.50 21.00
CA ARG C 166 -12.59 -32.82 22.18
C ARG C 166 -11.67 -33.42 23.26
N ILE C 167 -11.95 -33.10 24.53
CA ILE C 167 -11.09 -33.58 25.65
C ILE C 167 -11.75 -34.83 26.25
N PRO C 168 -11.14 -36.01 26.10
CA PRO C 168 -11.76 -37.23 26.59
C PRO C 168 -11.74 -37.28 28.10
N TYR C 169 -12.88 -37.59 28.72
CA TYR C 169 -12.89 -37.75 30.17
C TYR C 169 -12.05 -38.95 30.58
N ASP C 170 -11.52 -38.88 31.80
CA ASP C 170 -10.92 -40.05 32.42
C ASP C 170 -12.01 -40.90 33.07
N ALA C 171 -11.62 -42.09 33.50
CA ALA C 171 -12.59 -43.02 34.08
C ALA C 171 -13.30 -42.40 35.28
N ASP C 172 -12.54 -41.83 36.21
CA ASP C 172 -13.14 -41.25 37.41
C ASP C 172 -14.08 -40.11 37.04
N THR C 173 -13.59 -39.17 36.22
CA THR C 173 -14.40 -38.01 35.89
C THR C 173 -15.59 -38.38 35.03
N LYS C 174 -15.44 -39.37 34.12
CA LYS C 174 -16.59 -39.79 33.34
C LYS C 174 -17.65 -40.43 34.23
N LYS C 175 -17.23 -41.32 35.13
CA LYS C 175 -18.18 -41.86 36.10
C LYS C 175 -18.82 -40.75 36.92
N ALA C 176 -18.11 -39.64 37.12
CA ALA C 176 -18.67 -38.51 37.85
C ALA C 176 -19.69 -37.75 37.02
N ARG C 177 -19.41 -37.54 35.74
CA ARG C 177 -20.21 -36.70 34.86
C ARG C 177 -21.44 -37.41 34.31
N SER C 178 -21.56 -38.72 34.49
CA SER C 178 -22.56 -39.52 33.80
C SER C 178 -23.89 -39.49 34.53
N ARG C 179 -24.96 -39.26 33.78
CA ARG C 179 -26.32 -39.34 34.29
C ARG C 179 -27.19 -40.05 33.27
N LYS C 180 -28.35 -40.53 33.72
CA LYS C 180 -29.30 -41.14 32.80
C LYS C 180 -29.67 -40.19 31.67
N LEU C 181 -29.72 -38.89 31.95
CA LEU C 181 -30.10 -37.88 30.94
C LEU C 181 -28.94 -37.65 29.98
N PHE C 182 -27.72 -37.67 30.48
CA PHE C 182 -26.52 -37.37 29.66
C PHE C 182 -26.04 -38.58 28.92
N GLU C 183 -26.59 -39.74 29.23
CA GLU C 183 -26.11 -41.00 28.63
C GLU C 183 -26.04 -40.89 27.11
N GLY C 184 -24.85 -41.01 26.52
CA GLY C 184 -24.69 -41.05 25.06
C GLY C 184 -24.12 -39.76 24.49
N SER C 185 -24.51 -38.61 25.04
CA SER C 185 -24.09 -37.30 24.48
C SER C 185 -22.63 -37.40 24.05
N LYS C 186 -22.32 -36.93 22.86
CA LYS C 186 -20.95 -37.01 22.32
C LYS C 186 -19.98 -36.32 23.29
N TRP C 187 -20.47 -35.42 24.13
CA TRP C 187 -19.62 -34.68 25.10
C TRP C 187 -19.17 -35.63 26.20
N LEU C 188 -20.07 -36.48 26.68
CA LEU C 188 -19.77 -37.43 27.78
C LEU C 188 -18.87 -38.55 27.26
N GLU C 189 -19.06 -38.98 26.02
CA GLU C 189 -18.31 -40.16 25.49
C GLU C 189 -17.06 -39.74 24.73
N MET C 190 -17.20 -39.03 23.62
CA MET C 190 -16.04 -38.70 22.76
C MET C 190 -15.13 -37.72 23.50
N GLY C 191 -15.71 -36.72 24.16
CA GLY C 191 -14.97 -35.68 24.85
C GLY C 191 -15.75 -34.39 24.79
N TYR C 192 -15.37 -33.45 25.65
CA TYR C 192 -16.11 -32.22 25.82
C TYR C 192 -15.45 -31.07 25.09
N ASN C 193 -16.14 -29.93 25.03
CA ASN C 193 -15.59 -28.74 24.35
C ASN C 193 -14.41 -28.20 25.14
N PRO C 194 -13.23 -27.99 24.53
CA PRO C 194 -12.12 -27.36 25.25
C PRO C 194 -12.57 -26.10 25.97
N LYS C 195 -13.68 -25.49 25.58
CA LYS C 195 -14.27 -24.30 26.26
C LYS C 195 -13.52 -23.00 25.90
N ASP C 196 -13.99 -21.86 26.42
CA ASP C 196 -13.40 -20.57 26.08
C ASP C 196 -12.05 -20.38 26.75
N VAL C 197 -11.95 -20.80 28.01
CA VAL C 197 -10.67 -20.62 28.76
C VAL C 197 -9.84 -21.91 28.70
N TRP C 198 -8.58 -21.79 28.30
CA TRP C 198 -7.67 -22.96 28.23
C TRP C 198 -6.64 -22.83 29.35
N SER C 199 -6.75 -23.65 30.39
CA SER C 199 -5.77 -23.64 31.51
C SER C 199 -4.58 -24.54 31.19
N VAL C 200 -3.53 -23.99 30.59
CA VAL C 200 -2.31 -24.73 30.30
C VAL C 200 -1.14 -23.93 30.84
N SER C 201 -0.38 -24.54 31.74
CA SER C 201 0.73 -23.84 32.37
C SER C 201 1.76 -23.41 31.33
N ARG C 202 2.33 -22.23 31.53
CA ARG C 202 3.47 -21.82 30.73
C ARG C 202 4.59 -22.84 30.85
N LEU C 203 5.37 -22.97 29.78
CA LEU C 203 6.50 -23.90 29.80
C LEU C 203 7.59 -23.35 30.71
N HIS C 204 7.84 -24.06 31.81
CA HIS C 204 8.95 -23.69 32.68
C HIS C 204 10.26 -23.84 31.92
N ARG C 205 11.29 -23.09 32.35
CA ARG C 205 12.54 -23.06 31.60
C ARG C 205 13.13 -24.46 31.49
N GLN C 206 13.22 -25.18 32.61
CA GLN C 206 13.74 -26.53 32.60
C GLN C 206 12.77 -27.55 32.00
N HIS C 207 11.58 -27.12 31.58
CA HIS C 207 10.63 -28.04 30.97
C HIS C 207 11.24 -28.72 29.75
N ALA C 208 10.87 -29.98 29.56
CA ALA C 208 11.37 -30.75 28.42
C ALA C 208 11.14 -30.01 27.11
N GLU C 209 9.88 -29.65 26.84
CA GLU C 209 9.53 -28.97 25.59
C GLU C 209 10.26 -27.64 25.42
N ARG C 210 10.77 -27.05 26.49
CA ARG C 210 11.34 -25.71 26.41
C ARG C 210 12.60 -25.68 25.55
N VAL C 211 12.80 -24.55 24.87
CA VAL C 211 13.99 -24.31 24.07
C VAL C 211 14.53 -22.92 24.42
N ASP C 212 15.50 -22.44 23.63
CA ASP C 212 16.10 -21.13 23.88
C ASP C 212 15.34 -20.07 23.10
N HIS C 213 14.15 -19.75 23.59
CA HIS C 213 13.32 -18.69 23.04
C HIS C 213 12.58 -18.01 24.19
N PRO C 214 12.44 -16.69 24.18
CA PRO C 214 11.92 -16.01 25.39
C PRO C 214 10.44 -16.24 25.65
N THR C 215 9.64 -16.51 24.63
CA THR C 215 8.18 -16.59 24.78
C THR C 215 7.64 -17.81 24.06
N GLN C 216 8.27 -18.96 24.28
CA GLN C 216 7.81 -20.19 23.64
C GLN C 216 6.41 -20.53 24.11
N LYS C 217 5.53 -20.82 23.15
CA LYS C 217 4.16 -21.17 23.50
C LYS C 217 4.02 -22.68 23.65
N PRO C 218 3.21 -23.16 24.60
CA PRO C 218 3.01 -24.61 24.71
C PRO C 218 2.39 -25.18 23.45
N LEU C 219 2.69 -26.45 23.12
CA LEU C 219 2.10 -27.10 21.92
C LEU C 219 0.65 -27.53 22.18
N GLU C 220 0.28 -27.78 23.44
CA GLU C 220 -1.08 -28.28 23.78
C GLU C 220 -2.16 -27.29 23.31
N ILE C 221 -1.82 -26.01 23.17
CA ILE C 221 -2.81 -24.99 22.72
C ILE C 221 -2.68 -24.79 21.20
N ILE C 222 -1.45 -24.82 20.68
CA ILE C 222 -1.23 -24.57 19.24
C ILE C 222 -1.85 -25.71 18.43
N GLU C 223 -1.56 -26.95 18.79
CA GLU C 223 -2.14 -28.13 18.08
C GLU C 223 -3.66 -28.07 18.16
N ARG C 224 -4.21 -27.63 19.27
CA ARG C 224 -5.69 -27.52 19.39
C ARG C 224 -6.16 -26.55 18.30
N MET C 225 -5.56 -25.38 18.23
CA MET C 225 -5.95 -24.38 17.22
C MET C 225 -5.92 -25.02 15.83
N VAL C 226 -4.80 -25.67 15.47
CA VAL C 226 -4.67 -26.31 14.12
C VAL C 226 -5.80 -27.31 13.91
N LEU C 227 -5.86 -28.36 14.71
CA LEU C 227 -6.85 -29.45 14.53
C LEU C 227 -8.27 -28.90 14.33
N ALA C 228 -8.70 -27.95 15.15
CA ALA C 228 -10.11 -27.48 15.07
C ALA C 228 -10.32 -26.38 14.04
N SER C 229 -9.29 -25.95 13.31
CA SER C 229 -9.53 -24.80 12.38
C SER C 229 -8.88 -25.04 11.01
N CYS C 230 -7.77 -25.73 10.94
CA CYS C 230 -7.14 -26.11 9.65
C CYS C 230 -7.61 -27.53 9.34
N PRO C 231 -7.97 -27.91 8.10
CA PRO C 231 -8.47 -29.25 7.84
C PRO C 231 -7.31 -30.18 7.59
N PRO C 232 -7.40 -31.51 7.80
CA PRO C 232 -6.25 -32.35 7.49
C PRO C 232 -5.70 -32.06 6.10
N GLY C 233 -4.38 -31.80 6.04
CA GLY C 233 -3.72 -31.53 4.78
C GLY C 233 -3.73 -30.09 4.34
N GLY C 234 -4.36 -29.19 5.11
CA GLY C 234 -4.53 -27.77 4.73
C GLY C 234 -3.22 -27.01 4.69
N ARG C 235 -3.28 -25.69 4.74
CA ARG C 235 -2.05 -24.85 4.79
C ARG C 235 -2.24 -23.93 5.99
N VAL C 236 -1.18 -23.70 6.77
CA VAL C 236 -1.26 -22.87 7.99
C VAL C 236 -0.12 -21.87 7.95
N LEU C 237 -0.40 -20.57 8.10
CA LEU C 237 0.66 -19.52 8.08
C LEU C 237 0.96 -19.06 9.51
N ASP C 238 2.22 -18.87 9.85
CA ASP C 238 2.60 -18.26 11.15
C ASP C 238 3.57 -17.13 10.79
N PRO C 239 3.12 -15.88 10.60
CA PRO C 239 4.04 -14.82 10.16
C PRO C 239 5.26 -14.68 11.04
N PHE C 240 5.11 -14.95 12.34
CA PHE C 240 6.18 -14.79 13.32
C PHE C 240 6.20 -16.08 14.13
N MET C 241 6.91 -17.09 13.62
CA MET C 241 6.83 -18.45 14.14
C MET C 241 7.83 -18.75 15.25
N GLY C 242 8.84 -17.92 15.42
CA GLY C 242 9.78 -18.11 16.52
C GLY C 242 10.42 -19.49 16.48
N SER C 243 10.39 -20.18 17.62
CA SER C 243 11.05 -21.46 17.77
C SER C 243 10.41 -22.57 16.94
N GLY C 244 9.35 -22.29 16.20
CA GLY C 244 8.73 -23.29 15.35
C GLY C 244 7.64 -24.10 15.99
N THR C 245 7.16 -23.70 17.17
CA THR C 245 6.08 -24.42 17.84
C THR C 245 4.94 -24.73 16.86
N THR C 246 4.50 -23.71 16.12
CA THR C 246 3.45 -23.93 15.14
C THR C 246 3.91 -24.87 14.03
N ALA C 247 5.19 -24.80 13.66
CA ALA C 247 5.72 -25.67 12.62
C ALA C 247 5.66 -27.13 13.05
N VAL C 248 6.10 -27.43 14.27
CA VAL C 248 6.04 -28.82 14.73
C VAL C 248 4.58 -29.24 14.91
N ALA C 249 3.72 -28.31 15.36
CA ALA C 249 2.30 -28.61 15.45
C ALA C 249 1.74 -29.07 14.11
N CYS C 250 2.14 -28.40 13.02
CA CYS C 250 1.66 -28.82 11.71
C CYS C 250 2.31 -30.12 11.27
N ALA C 251 3.60 -30.30 11.57
CA ALA C 251 4.32 -31.48 11.09
C ALA C 251 3.88 -32.77 11.76
N ARG C 252 3.34 -32.70 12.99
CA ARG C 252 2.83 -33.94 13.61
C ARG C 252 1.34 -34.18 13.35
N GLN C 253 0.59 -33.17 12.91
CA GLN C 253 -0.85 -33.30 12.73
C GLN C 253 -1.26 -33.30 11.27
N GLY C 254 -0.34 -33.62 10.37
CA GLY C 254 -0.69 -33.77 8.96
C GLY C 254 -1.27 -32.51 8.33
N ARG C 255 -0.57 -31.39 8.50
CA ARG C 255 -0.91 -30.14 7.84
C ARG C 255 0.35 -29.55 7.22
N ASP C 256 0.15 -28.62 6.28
CA ASP C 256 1.25 -27.93 5.63
C ASP C 256 1.45 -26.58 6.31
N PHE C 257 2.71 -26.18 6.47
CA PHE C 257 3.05 -24.99 7.24
C PHE C 257 4.04 -24.12 6.49
N VAL C 258 3.77 -22.81 6.53
CA VAL C 258 4.72 -21.78 6.08
C VAL C 258 4.80 -20.74 7.18
N GLY C 259 6.03 -20.44 7.61
CA GLY C 259 6.22 -19.48 8.68
C GLY C 259 7.50 -18.70 8.48
N TYR C 260 7.48 -17.45 8.92
CA TYR C 260 8.61 -16.55 8.78
C TYR C 260 9.14 -16.18 10.15
N GLU C 261 10.45 -15.96 10.22
CA GLU C 261 11.08 -15.57 11.48
C GLU C 261 12.40 -14.87 11.20
N ILE C 262 12.48 -13.60 11.59
CA ILE C 262 13.66 -12.73 11.31
C ILE C 262 14.95 -13.20 11.98
N ASN C 263 14.88 -13.89 13.12
CA ASN C 263 16.10 -14.34 13.86
C ASN C 263 16.62 -15.67 13.32
N GLU C 264 17.88 -15.71 12.97
CA GLU C 264 18.51 -16.91 12.38
C GLU C 264 18.56 -18.03 13.43
N SER C 265 18.92 -17.71 14.68
CA SER C 265 19.09 -18.73 15.74
C SER C 265 17.74 -19.39 16.09
N TYR C 266 16.64 -18.66 15.92
CA TYR C 266 15.29 -19.18 16.25
C TYR C 266 14.82 -20.04 15.09
N CYS C 267 15.24 -19.73 13.86
CA CYS C 267 14.88 -20.53 12.67
C CYS C 267 15.64 -21.86 12.79
N ALA C 268 16.83 -21.87 13.38
CA ALA C 268 17.62 -23.06 13.64
C ALA C 268 16.89 -23.98 14.62
N ILE C 269 16.44 -23.41 15.74
CA ILE C 269 15.69 -24.20 16.72
C ILE C 269 14.44 -24.79 16.07
N ALA C 270 13.80 -24.03 15.19
CA ALA C 270 12.59 -24.55 14.52
C ALA C 270 12.92 -25.77 13.68
N HIS C 271 13.98 -25.67 12.86
CA HIS C 271 14.43 -26.81 12.08
C HIS C 271 14.67 -28.00 13.00
N GLU C 272 15.54 -27.84 13.99
CA GLU C 272 15.83 -28.96 14.90
C GLU C 272 14.55 -29.56 15.47
N ARG C 273 13.63 -28.69 15.91
CA ARG C 273 12.41 -29.17 16.56
C ARG C 273 11.54 -29.98 15.61
N VAL C 274 11.56 -29.64 14.32
CA VAL C 274 10.76 -30.40 13.35
C VAL C 274 11.55 -31.63 12.90
N ASN C 275 12.67 -31.41 12.22
CA ASN C 275 13.52 -32.51 11.75
C ASN C 275 13.59 -33.68 12.72
N ALA C 276 13.87 -33.39 14.00
CA ALA C 276 14.03 -34.45 14.99
C ALA C 276 12.73 -35.18 15.31
N LEU C 277 11.61 -34.83 14.66
CA LEU C 277 10.36 -35.55 14.86
C LEU C 277 10.47 -36.93 14.21
N ALA C 278 9.34 -37.64 14.17
CA ALA C 278 9.28 -38.95 13.52
C ALA C 278 7.84 -39.46 13.48
N HIS D 36 -32.68 1.69 45.89
CA HIS D 36 -33.41 2.65 45.08
C HIS D 36 -33.99 2.01 43.84
N ASN D 37 -35.27 2.26 43.58
CA ASN D 37 -35.93 1.81 42.36
C ASN D 37 -35.99 2.96 41.38
N ARG D 38 -35.34 2.79 40.23
CA ARG D 38 -35.36 3.79 39.18
C ARG D 38 -34.41 3.41 38.07
N ASP D 39 -34.38 4.21 37.01
CA ASP D 39 -33.37 4.08 35.97
C ASP D 39 -32.23 5.04 36.30
N PHE D 40 -31.03 4.50 36.52
CA PHE D 40 -29.88 5.34 36.81
C PHE D 40 -29.76 6.46 35.79
N LEU D 41 -29.91 6.14 34.51
CA LEU D 41 -29.76 7.14 33.46
C LEU D 41 -30.60 8.39 33.72
N THR D 42 -31.70 8.23 34.46
CA THR D 42 -32.56 9.37 34.78
C THR D 42 -32.16 10.05 36.09
N ASP D 43 -32.04 9.26 37.16
CA ASP D 43 -31.75 9.79 38.49
C ASP D 43 -30.29 10.16 38.68
N ALA D 44 -29.46 10.05 37.63
CA ALA D 44 -28.02 10.29 37.80
C ALA D 44 -27.72 11.76 38.04
N ALA D 45 -28.48 12.66 37.41
CA ALA D 45 -28.34 14.09 37.70
C ALA D 45 -28.41 14.36 39.19
N HIS D 46 -29.18 13.55 39.92
CA HIS D 46 -29.39 13.73 41.35
C HIS D 46 -28.27 13.12 42.18
N LEU D 47 -27.36 12.39 41.55
CA LEU D 47 -26.19 11.88 42.24
C LEU D 47 -25.11 12.94 42.26
N PRO D 48 -24.62 13.37 43.43
CA PRO D 48 -23.56 14.38 43.44
C PRO D 48 -22.30 13.85 42.77
N ASP D 49 -21.63 14.72 42.03
CA ASP D 49 -20.39 14.35 41.36
C ASP D 49 -19.26 14.27 42.37
N ALA D 50 -18.41 13.25 42.23
CA ALA D 50 -17.29 13.01 43.14
C ALA D 50 -17.78 12.63 44.54
N SER D 51 -18.68 11.64 44.59
CA SER D 51 -19.13 11.07 45.85
C SER D 51 -18.99 9.56 45.92
N ILE D 52 -18.61 8.91 44.82
CA ILE D 52 -18.49 7.46 44.75
C ILE D 52 -17.02 7.11 44.60
N ASP D 53 -16.52 6.23 45.49
CA ASP D 53 -15.14 5.80 45.43
C ASP D 53 -14.93 4.62 44.50
N LEU D 54 -15.98 3.83 44.25
CA LEU D 54 -15.88 2.64 43.43
C LEU D 54 -17.21 2.44 42.71
N ILE D 55 -17.13 2.12 41.42
CA ILE D 55 -18.29 1.75 40.63
C ILE D 55 -18.18 0.26 40.34
N VAL D 56 -19.02 -0.53 41.00
CA VAL D 56 -19.23 -1.92 40.63
C VAL D 56 -20.42 -1.94 39.69
N ALA D 57 -20.20 -2.33 38.43
CA ALA D 57 -21.20 -2.22 37.40
C ALA D 57 -21.34 -3.55 36.67
N ASP D 58 -22.47 -4.22 36.86
CA ASP D 58 -22.81 -5.41 36.09
C ASP D 58 -23.90 -5.04 35.09
N PRO D 59 -23.57 -4.39 33.98
CA PRO D 59 -24.59 -3.90 33.08
C PRO D 59 -25.21 -5.02 32.29
N PRO D 60 -26.43 -4.83 31.79
CA PRO D 60 -26.96 -5.74 30.77
C PRO D 60 -25.90 -6.04 29.72
N TYR D 61 -25.55 -7.31 29.58
CA TYR D 61 -24.43 -7.67 28.70
C TYR D 61 -24.71 -7.38 27.24
N GLY D 62 -25.97 -7.41 26.84
CA GLY D 62 -26.32 -7.36 25.44
C GLY D 62 -26.70 -8.70 24.84
N LEU D 63 -27.12 -9.65 25.67
CA LEU D 63 -27.55 -10.97 25.23
C LEU D 63 -29.05 -11.11 25.44
N GLY D 64 -29.65 -12.05 24.72
CA GLY D 64 -31.08 -12.28 24.80
C GLY D 64 -31.51 -12.83 26.15
N LYS D 65 -32.09 -11.97 26.99
CA LYS D 65 -32.44 -12.33 28.36
C LYS D 65 -33.88 -11.90 28.62
N ASP D 66 -34.25 -11.83 29.89
CA ASP D 66 -35.60 -11.38 30.26
C ASP D 66 -35.68 -11.09 31.75
N TYR D 67 -35.36 -9.86 32.14
CA TYR D 67 -35.54 -9.39 33.51
C TYR D 67 -36.94 -8.87 33.77
N GLY D 68 -37.86 -9.03 32.82
CA GLY D 68 -39.13 -8.33 32.88
C GLY D 68 -39.03 -6.90 32.40
N ASN D 69 -38.04 -6.60 31.56
CA ASN D 69 -37.83 -5.26 31.01
C ASN D 69 -36.71 -5.30 29.99
N ASP D 70 -37.02 -5.02 28.73
CA ASP D 70 -36.01 -5.04 27.68
C ASP D 70 -34.85 -4.12 28.06
N SER D 71 -33.80 -4.72 28.61
CA SER D 71 -32.57 -3.99 28.94
C SER D 71 -31.40 -4.70 28.28
N ASP D 72 -31.47 -6.03 28.21
CA ASP D 72 -30.50 -6.83 27.47
C ASP D 72 -30.97 -7.19 26.07
N LYS D 73 -32.22 -6.85 25.72
CA LYS D 73 -32.70 -7.05 24.35
C LYS D 73 -32.11 -6.05 23.37
N ARG D 74 -31.25 -5.14 23.82
CA ARG D 74 -30.52 -4.26 22.93
C ARG D 74 -29.34 -5.00 22.32
N SER D 75 -29.01 -4.66 21.08
CA SER D 75 -27.94 -5.33 20.36
C SER D 75 -27.16 -4.34 19.51
N GLY D 76 -25.95 -4.75 19.13
CA GLY D 76 -25.11 -3.97 18.25
C GLY D 76 -24.85 -2.57 18.76
N ASP D 77 -24.75 -1.64 17.82
CA ASP D 77 -24.44 -0.25 18.15
C ASP D 77 -25.52 0.38 19.03
N ASP D 78 -26.75 -0.13 18.99
CA ASP D 78 -27.77 0.36 19.92
C ASP D 78 -27.35 0.10 21.36
N PHE D 79 -27.11 -1.18 21.69
CA PHE D 79 -26.58 -1.53 23.00
C PHE D 79 -25.33 -0.74 23.34
N LEU D 80 -24.42 -0.61 22.38
CA LEU D 80 -23.14 0.04 22.66
C LEU D 80 -23.32 1.52 22.99
N ALA D 81 -24.16 2.22 22.23
CA ALA D 81 -24.38 3.64 22.49
C ALA D 81 -25.11 3.84 23.81
N TRP D 82 -26.02 2.92 24.16
CA TRP D 82 -26.65 3.01 25.48
C TRP D 82 -25.63 2.81 26.60
N THR D 83 -24.70 1.87 26.40
CA THR D 83 -23.63 1.69 27.38
C THR D 83 -22.81 2.97 27.51
N ARG D 84 -22.38 3.54 26.39
CA ARG D 84 -21.65 4.79 26.42
C ARG D 84 -22.43 5.86 27.17
N GLU D 85 -23.76 5.90 26.98
CA GLU D 85 -24.58 6.86 27.70
C GLU D 85 -24.40 6.69 29.21
N TRP D 86 -24.75 5.51 29.74
CA TRP D 86 -24.73 5.39 31.19
C TRP D 86 -23.31 5.50 31.74
N LEU D 87 -22.30 5.12 30.97
CA LEU D 87 -20.93 5.24 31.45
C LEU D 87 -20.49 6.70 31.49
N GLU D 88 -20.83 7.48 30.47
CA GLU D 88 -20.53 8.90 30.49
C GLU D 88 -21.28 9.64 31.58
N LEU D 89 -22.41 9.09 32.02
CA LEU D 89 -23.10 9.70 33.16
C LEU D 89 -22.49 9.28 34.50
N ALA D 90 -22.00 8.04 34.59
CA ALA D 90 -21.53 7.53 35.87
C ALA D 90 -20.09 7.91 36.17
N ILE D 91 -19.22 8.01 35.16
CA ILE D 91 -17.81 8.27 35.41
C ILE D 91 -17.62 9.55 36.22
N PRO D 92 -18.32 10.64 35.94
CA PRO D 92 -18.06 11.88 36.70
C PRO D 92 -18.39 11.79 38.18
N LYS D 93 -19.17 10.78 38.59
CA LYS D 93 -19.49 10.65 40.01
C LYS D 93 -18.34 10.05 40.81
N LEU D 94 -17.30 9.59 40.13
CA LEU D 94 -16.14 9.02 40.80
C LEU D 94 -15.22 10.12 41.29
N LYS D 95 -14.69 9.95 42.51
CA LYS D 95 -13.75 10.89 43.06
C LYS D 95 -12.43 10.78 42.30
N PRO D 96 -11.49 11.71 42.53
CA PRO D 96 -10.18 11.58 41.87
C PRO D 96 -9.48 10.27 42.17
N SER D 97 -9.73 9.67 43.34
CA SER D 97 -9.12 8.42 43.75
C SER D 97 -10.00 7.22 43.43
N GLY D 98 -10.86 7.34 42.41
CA GLY D 98 -11.90 6.37 42.16
C GLY D 98 -11.50 5.31 41.15
N SER D 99 -12.30 4.24 41.13
CA SER D 99 -12.07 3.09 40.28
C SER D 99 -13.40 2.61 39.73
N MET D 100 -13.33 1.66 38.79
CA MET D 100 -14.52 1.13 38.14
C MET D 100 -14.28 -0.31 37.74
N TYR D 101 -15.17 -1.20 38.18
CA TYR D 101 -15.24 -2.56 37.65
C TYR D 101 -16.47 -2.64 36.77
N ILE D 102 -16.32 -3.19 35.57
CA ILE D 102 -17.45 -3.31 34.65
C ILE D 102 -17.43 -4.70 34.02
N PHE D 103 -18.51 -5.46 34.25
CA PHE D 103 -18.72 -6.75 33.61
C PHE D 103 -19.18 -6.55 32.17
N CYS D 104 -18.74 -7.43 31.28
CA CYS D 104 -19.21 -7.38 29.90
C CYS D 104 -18.88 -8.70 29.22
N THR D 105 -19.47 -8.88 28.03
CA THR D 105 -19.31 -10.09 27.25
C THR D 105 -18.30 -9.84 26.13
N TRP D 106 -17.51 -10.88 25.82
CA TRP D 106 -16.50 -10.78 24.77
C TRP D 106 -17.06 -10.23 23.46
N GLN D 107 -18.37 -10.39 23.23
CA GLN D 107 -18.97 -9.88 22.00
C GLN D 107 -18.91 -8.37 21.95
N TYR D 108 -19.01 -7.71 23.09
CA TYR D 108 -19.03 -6.26 23.17
C TYR D 108 -17.89 -5.70 24.01
N ALA D 109 -17.09 -6.55 24.64
CA ALA D 109 -16.03 -6.07 25.52
C ALA D 109 -14.99 -5.22 24.82
N PRO D 110 -14.49 -5.55 23.63
CA PRO D 110 -13.41 -4.73 23.04
C PRO D 110 -13.80 -3.28 22.82
N GLU D 111 -14.99 -3.03 22.26
CA GLU D 111 -15.43 -1.67 22.01
C GLU D 111 -15.64 -0.92 23.32
N ILE D 112 -16.37 -1.52 24.25
CA ILE D 112 -16.58 -0.92 25.57
C ILE D 112 -15.24 -0.53 26.18
N PHE D 113 -14.27 -1.44 26.12
CA PHE D 113 -13.00 -1.21 26.80
C PHE D 113 -12.19 -0.11 26.11
N SER D 114 -12.17 -0.10 24.78
CA SER D 114 -11.49 1.00 24.08
C SER D 114 -12.11 2.34 24.46
N PHE D 115 -13.43 2.45 24.35
CA PHE D 115 -14.11 3.69 24.70
C PHE D 115 -13.74 4.13 26.11
N LEU D 116 -13.83 3.20 27.08
CA LEU D 116 -13.49 3.55 28.45
C LEU D 116 -12.02 3.94 28.56
N LYS D 117 -11.17 3.39 27.70
CA LYS D 117 -9.76 3.75 27.73
C LYS D 117 -9.54 5.17 27.28
N THR D 118 -10.41 5.70 26.41
CA THR D 118 -10.25 7.11 26.04
C THR D 118 -10.61 8.06 27.18
N GLN D 119 -11.27 7.57 28.23
CA GLN D 119 -11.68 8.40 29.37
C GLN D 119 -10.95 8.05 30.65
N LEU D 120 -10.82 6.78 30.96
CA LEU D 120 -10.16 6.31 32.17
C LEU D 120 -8.94 5.48 31.78
N THR D 121 -8.19 5.08 32.80
CA THR D 121 -7.02 4.23 32.62
C THR D 121 -7.40 2.79 32.97
N MET D 122 -7.10 1.85 32.08
CA MET D 122 -7.33 0.44 32.38
C MET D 122 -6.23 -0.05 33.31
N VAL D 123 -6.62 -0.52 34.49
CA VAL D 123 -5.68 -1.12 35.42
C VAL D 123 -5.56 -2.63 35.17
N ASN D 124 -6.67 -3.30 34.90
CA ASN D 124 -6.62 -4.74 34.69
C ASN D 124 -7.79 -5.19 33.82
N GLU D 125 -7.65 -6.39 33.26
CA GLU D 125 -8.75 -7.13 32.65
C GLU D 125 -8.90 -8.43 33.44
N ILE D 126 -9.82 -8.43 34.40
CA ILE D 126 -10.08 -9.63 35.20
C ILE D 126 -11.05 -10.52 34.45
N ILE D 127 -10.68 -11.77 34.26
CA ILE D 127 -11.51 -12.75 33.57
C ILE D 127 -12.21 -13.59 34.62
N TRP D 128 -13.54 -13.53 34.67
CA TRP D 128 -14.30 -14.41 35.55
C TRP D 128 -14.53 -15.71 34.80
N ASP D 129 -13.77 -16.74 35.19
CA ASP D 129 -13.98 -18.10 34.70
C ASP D 129 -15.09 -18.73 35.53
N ARG D 130 -16.22 -19.01 34.91
CA ARG D 130 -17.40 -19.49 35.60
C ARG D 130 -17.45 -21.02 35.72
N ARG D 131 -16.37 -21.70 35.32
CA ARG D 131 -16.24 -23.15 35.50
C ARG D 131 -17.31 -23.92 34.75
N VAL D 132 -18.57 -23.74 35.14
CA VAL D 132 -19.69 -24.37 34.45
C VAL D 132 -19.91 -23.63 33.13
N PRO D 133 -19.90 -24.29 31.98
CA PRO D 133 -19.95 -23.57 30.71
C PRO D 133 -21.39 -23.20 30.39
N SER D 134 -21.58 -22.61 29.22
CA SER D 134 -22.90 -22.22 28.76
C SER D 134 -23.43 -23.28 27.80
N MET D 135 -24.71 -23.62 27.96
CA MET D 135 -25.32 -24.73 27.24
C MET D 135 -26.27 -24.23 26.17
N GLY D 136 -26.29 -24.93 25.04
CA GLY D 136 -27.20 -24.61 23.96
C GLY D 136 -27.32 -25.76 22.98
N GLY D 137 -26.19 -26.20 22.43
CA GLY D 137 -26.17 -27.35 21.55
C GLY D 137 -25.21 -27.21 20.39
N THR D 138 -24.31 -26.23 20.44
CA THR D 138 -23.45 -25.95 19.31
C THR D 138 -22.28 -26.93 19.24
N THR D 139 -21.73 -27.07 18.03
CA THR D 139 -20.48 -27.78 17.81
C THR D 139 -19.59 -27.00 16.83
N ARG D 140 -19.85 -25.70 16.67
CA ARG D 140 -19.16 -24.88 15.68
C ARG D 140 -18.16 -23.92 16.29
N ARG D 141 -18.18 -23.76 17.61
CA ARG D 141 -17.17 -22.89 18.26
C ARG D 141 -16.85 -23.34 19.69
N PHE D 142 -15.73 -22.88 20.23
CA PHE D 142 -15.40 -23.17 21.65
C PHE D 142 -16.48 -22.54 22.52
N THR D 143 -16.97 -23.29 23.50
CA THR D 143 -18.09 -22.79 24.33
C THR D 143 -17.63 -21.71 25.29
N SER D 144 -18.57 -20.92 25.80
CA SER D 144 -18.23 -19.78 26.64
C SER D 144 -18.23 -20.21 28.11
N VAL D 145 -17.16 -19.86 28.83
CA VAL D 145 -17.02 -20.21 30.23
C VAL D 145 -16.51 -19.01 31.01
N HIS D 146 -16.59 -17.83 30.41
CA HIS D 146 -15.98 -16.65 31.03
C HIS D 146 -16.78 -15.40 30.71
N ASP D 147 -16.74 -14.46 31.64
CA ASP D 147 -17.13 -13.08 31.41
C ASP D 147 -15.91 -12.19 31.59
N ASN D 148 -15.87 -11.06 30.88
CA ASN D 148 -14.75 -10.14 30.99
C ASN D 148 -15.10 -9.03 31.97
N ILE D 149 -14.08 -8.52 32.66
CA ILE D 149 -14.26 -7.45 33.64
C ILE D 149 -13.15 -6.43 33.42
N GLY D 150 -13.53 -5.20 33.14
CA GLY D 150 -12.57 -4.11 33.04
C GLY D 150 -12.42 -3.42 34.38
N PHE D 151 -11.17 -3.31 34.85
CA PHE D 151 -10.81 -2.58 36.05
C PHE D 151 -10.10 -1.31 35.58
N PHE D 152 -10.84 -0.20 35.58
CA PHE D 152 -10.38 1.11 35.14
C PHE D 152 -10.20 2.03 36.34
N ALA D 153 -9.33 3.02 36.19
CA ALA D 153 -9.07 3.99 37.24
C ALA D 153 -9.20 5.40 36.69
N VAL D 154 -9.67 6.31 37.55
CA VAL D 154 -9.73 7.72 37.17
C VAL D 154 -8.33 8.26 36.94
N SER D 155 -7.44 7.99 37.89
CA SER D 155 -6.07 8.50 37.85
C SER D 155 -5.15 7.46 38.46
N ARG D 156 -3.86 7.76 38.48
CA ARG D 156 -2.87 6.86 39.05
C ARG D 156 -2.98 6.75 40.57
N ALA D 157 -3.95 7.43 41.19
CA ALA D 157 -4.14 7.40 42.63
C ALA D 157 -5.27 6.46 43.04
N TYR D 158 -5.68 5.53 42.17
CA TYR D 158 -6.79 4.66 42.48
C TYR D 158 -6.53 3.90 43.78
N TYR D 159 -7.45 4.01 44.72
CA TYR D 159 -7.30 3.33 45.99
C TYR D 159 -7.32 1.82 45.79
N PHE D 160 -6.23 1.15 46.17
CA PHE D 160 -6.13 -0.29 46.06
C PHE D 160 -5.53 -0.84 47.35
N ASP D 161 -6.28 -1.68 48.05
CA ASP D 161 -5.80 -2.38 49.24
C ASP D 161 -5.89 -3.87 48.93
N LEU D 162 -4.73 -4.48 48.67
CA LEU D 162 -4.71 -5.90 48.36
C LEU D 162 -4.91 -6.76 49.61
N ASP D 163 -4.37 -6.30 50.75
CA ASP D 163 -4.36 -7.08 51.99
C ASP D 163 -5.70 -7.73 52.29
N PRO D 164 -6.80 -6.97 52.39
CA PRO D 164 -8.10 -7.61 52.70
C PRO D 164 -8.51 -8.66 51.68
N VAL D 165 -7.80 -8.76 50.56
CA VAL D 165 -8.25 -9.53 49.40
C VAL D 165 -7.28 -10.64 49.03
N ARG D 166 -6.17 -10.79 49.75
CA ARG D 166 -5.22 -11.85 49.44
C ARG D 166 -5.80 -13.21 49.80
N ILE D 167 -5.32 -14.25 49.13
CA ILE D 167 -5.83 -15.61 49.31
C ILE D 167 -4.85 -16.36 50.22
N PRO D 168 -5.22 -16.64 51.47
CA PRO D 168 -4.33 -17.44 52.32
C PRO D 168 -4.17 -18.87 51.80
N TYR D 169 -2.95 -19.40 51.92
CA TYR D 169 -2.69 -20.78 51.60
C TYR D 169 -3.20 -21.69 52.71
N ASP D 170 -3.76 -22.83 52.33
CA ASP D 170 -3.99 -23.89 53.30
C ASP D 170 -2.68 -24.61 53.60
N ALA D 171 -2.71 -25.51 54.57
CA ALA D 171 -1.52 -26.19 55.03
C ALA D 171 -0.73 -26.81 53.88
N ASP D 172 -1.30 -27.84 53.25
CA ASP D 172 -0.53 -28.63 52.30
C ASP D 172 -0.05 -27.79 51.12
N THR D 173 -0.87 -26.85 50.65
CA THR D 173 -0.47 -26.02 49.53
C THR D 173 0.68 -25.09 49.92
N LYS D 174 0.57 -24.44 51.08
CA LYS D 174 1.69 -23.65 51.57
C LYS D 174 2.95 -24.49 51.67
N LYS D 175 2.81 -25.76 52.02
CA LYS D 175 3.98 -26.62 52.15
C LYS D 175 4.60 -26.87 50.78
N ALA D 176 3.74 -27.03 49.76
CA ALA D 176 4.26 -27.21 48.40
C ALA D 176 4.90 -25.92 47.87
N ARG D 177 4.44 -24.75 48.33
CA ARG D 177 4.93 -23.48 47.81
C ARG D 177 6.14 -22.94 48.56
N SER D 178 6.34 -23.36 49.81
CA SER D 178 7.36 -22.74 50.65
C SER D 178 8.76 -23.16 50.21
N ARG D 179 9.67 -22.19 50.20
CA ARG D 179 11.08 -22.44 49.95
C ARG D 179 11.89 -21.48 50.81
N LYS D 180 13.19 -21.77 50.93
CA LYS D 180 14.08 -20.84 51.62
C LYS D 180 13.89 -19.43 51.10
N LEU D 181 13.93 -19.26 49.77
CA LEU D 181 13.81 -17.94 49.17
C LEU D 181 12.52 -17.24 49.59
N PHE D 182 11.41 -17.99 49.68
CA PHE D 182 10.11 -17.38 49.92
C PHE D 182 9.75 -17.29 51.39
N GLU D 183 10.21 -18.23 52.22
CA GLU D 183 9.86 -18.27 53.63
C GLU D 183 9.97 -16.89 54.27
N GLY D 184 8.82 -16.27 54.55
CA GLY D 184 8.75 -14.92 55.05
C GLY D 184 8.10 -13.94 54.10
N SER D 185 8.05 -14.26 52.81
CA SER D 185 7.46 -13.38 51.83
C SER D 185 5.97 -13.16 52.12
N LYS D 186 5.48 -11.96 51.79
CA LYS D 186 4.12 -11.60 52.15
C LYS D 186 3.10 -12.46 51.43
N TRP D 187 3.34 -12.78 50.16
CA TRP D 187 2.37 -13.56 49.41
C TRP D 187 2.23 -14.97 49.99
N LEU D 188 3.29 -15.48 50.63
CA LEU D 188 3.27 -16.84 51.16
C LEU D 188 2.66 -16.92 52.54
N GLU D 189 2.98 -15.98 53.43
CA GLU D 189 2.51 -16.06 54.81
C GLU D 189 1.09 -15.51 54.93
N MET D 190 0.82 -14.35 54.33
CA MET D 190 -0.51 -13.75 54.41
C MET D 190 -1.44 -14.31 53.35
N GLY D 191 -1.05 -14.22 52.09
CA GLY D 191 -1.87 -14.68 50.99
C GLY D 191 -1.43 -14.07 49.69
N TYR D 192 -1.76 -14.75 48.60
CA TYR D 192 -1.31 -14.33 47.28
C TYR D 192 -2.36 -13.46 46.61
N ASN D 193 -1.95 -12.87 45.50
CA ASN D 193 -2.79 -11.99 44.70
C ASN D 193 -3.81 -12.81 43.92
N PRO D 194 -5.08 -12.37 43.87
CA PRO D 194 -6.09 -13.14 43.12
C PRO D 194 -5.81 -13.25 41.63
N LYS D 195 -4.92 -12.43 41.07
CA LYS D 195 -4.64 -12.45 39.64
C LYS D 195 -5.85 -12.00 38.85
N ASP D 196 -5.71 -11.88 37.52
CA ASP D 196 -6.79 -11.41 36.66
C ASP D 196 -7.58 -12.55 36.03
N VAL D 197 -7.43 -13.78 36.54
CA VAL D 197 -8.32 -14.88 36.21
C VAL D 197 -8.88 -15.39 37.53
N TRP D 198 -10.14 -15.07 37.79
CA TRP D 198 -10.84 -15.53 38.99
C TRP D 198 -11.68 -16.74 38.59
N SER D 199 -11.32 -17.92 39.08
CA SER D 199 -12.03 -19.16 38.78
C SER D 199 -13.01 -19.42 39.91
N VAL D 200 -14.22 -18.90 39.75
CA VAL D 200 -15.29 -19.08 40.73
C VAL D 200 -16.50 -19.64 39.97
N SER D 201 -17.01 -20.77 40.45
CA SER D 201 -18.02 -21.49 39.71
C SER D 201 -19.30 -20.68 39.58
N ARG D 202 -19.92 -20.75 38.41
CA ARG D 202 -21.29 -20.30 38.23
C ARG D 202 -22.13 -20.73 39.42
N LEU D 203 -23.03 -19.84 39.86
CA LEU D 203 -23.86 -20.13 41.02
C LEU D 203 -25.03 -21.02 40.61
N HIS D 204 -25.12 -22.19 41.24
CA HIS D 204 -26.14 -23.17 40.91
C HIS D 204 -27.51 -22.68 41.40
N ARG D 205 -28.57 -23.23 40.79
CA ARG D 205 -29.92 -22.84 41.20
C ARG D 205 -30.21 -23.29 42.61
N GLN D 206 -29.94 -24.56 42.92
CA GLN D 206 -30.12 -25.07 44.27
C GLN D 206 -29.08 -24.53 45.25
N HIS D 207 -28.08 -23.79 44.76
CA HIS D 207 -27.06 -23.21 45.64
C HIS D 207 -27.72 -22.37 46.73
N ALA D 208 -27.28 -22.58 47.97
CA ALA D 208 -27.89 -21.90 49.10
C ALA D 208 -27.85 -20.38 48.95
N GLU D 209 -26.80 -19.86 48.33
CA GLU D 209 -26.68 -18.43 48.09
C GLU D 209 -27.59 -17.94 46.96
N ARG D 210 -28.03 -18.83 46.08
CA ARG D 210 -28.79 -18.43 44.91
C ARG D 210 -30.10 -17.78 45.32
N VAL D 211 -30.55 -16.83 44.49
CA VAL D 211 -31.82 -16.15 44.67
C VAL D 211 -32.48 -15.97 43.31
N ASP D 212 -33.79 -15.86 43.31
CA ASP D 212 -34.56 -15.76 42.07
C ASP D 212 -34.23 -14.48 41.32
N HIS D 213 -33.16 -14.52 40.51
CA HIS D 213 -32.79 -13.44 39.62
C HIS D 213 -32.07 -14.13 38.46
N PRO D 214 -32.29 -13.68 37.22
CA PRO D 214 -31.69 -14.40 36.08
C PRO D 214 -30.17 -14.48 36.14
N THR D 215 -29.51 -13.33 36.29
CA THR D 215 -28.05 -13.29 36.19
C THR D 215 -27.41 -12.81 37.49
N GLN D 216 -27.61 -13.58 38.56
CA GLN D 216 -26.98 -13.30 39.84
C GLN D 216 -25.46 -13.45 39.72
N LYS D 217 -24.75 -12.79 40.63
CA LYS D 217 -23.30 -12.90 40.66
C LYS D 217 -22.84 -13.45 42.01
N PRO D 218 -21.80 -14.28 42.02
CA PRO D 218 -21.35 -14.85 43.30
C PRO D 218 -20.80 -13.76 44.22
N LEU D 219 -21.20 -13.83 45.48
CA LEU D 219 -20.74 -12.85 46.46
C LEU D 219 -19.22 -12.88 46.61
N GLU D 220 -18.62 -14.06 46.45
CA GLU D 220 -17.17 -14.19 46.63
C GLU D 220 -16.41 -13.19 45.78
N ILE D 221 -16.83 -12.99 44.53
CA ILE D 221 -16.06 -12.14 43.62
C ILE D 221 -16.43 -10.67 43.76
N ILE D 222 -17.66 -10.36 44.19
CA ILE D 222 -18.05 -8.97 44.35
C ILE D 222 -17.44 -8.38 45.62
N GLU D 223 -17.40 -9.18 46.69
CA GLU D 223 -16.70 -8.75 47.90
C GLU D 223 -15.25 -8.42 47.58
N ARG D 224 -14.63 -9.16 46.66
CA ARG D 224 -13.24 -8.88 46.32
C ARG D 224 -13.08 -7.47 45.77
N MET D 225 -13.89 -7.12 44.77
CA MET D 225 -13.85 -5.77 44.23
C MET D 225 -14.08 -4.74 45.32
N VAL D 226 -15.14 -4.93 46.11
CA VAL D 226 -15.47 -3.97 47.15
C VAL D 226 -14.28 -3.76 48.09
N LEU D 227 -13.75 -4.85 48.65
CA LEU D 227 -12.66 -4.75 49.61
C LEU D 227 -11.43 -4.11 48.98
N ALA D 228 -11.10 -4.48 47.75
CA ALA D 228 -9.85 -4.03 47.15
C ALA D 228 -9.90 -2.58 46.69
N SER D 229 -11.07 -2.09 46.25
CA SER D 229 -11.14 -0.83 45.54
C SER D 229 -12.09 0.18 46.17
N CYS D 230 -12.56 -0.06 47.40
CA CYS D 230 -13.39 0.91 48.12
C CYS D 230 -12.84 1.04 49.53
N PRO D 231 -12.40 2.22 49.95
CA PRO D 231 -11.92 2.39 51.32
C PRO D 231 -13.01 2.06 52.32
N PRO D 232 -12.67 1.39 53.43
CA PRO D 232 -13.70 1.14 54.46
C PRO D 232 -14.42 2.42 54.84
N GLY D 233 -15.74 2.46 54.63
CA GLY D 233 -16.53 3.65 54.83
C GLY D 233 -16.88 4.38 53.56
N GLY D 234 -16.16 4.13 52.47
CA GLY D 234 -16.47 4.78 51.21
C GLY D 234 -17.82 4.36 50.67
N ARG D 235 -18.19 5.01 49.57
CA ARG D 235 -19.48 4.79 48.93
C ARG D 235 -19.28 4.05 47.61
N VAL D 236 -20.03 2.98 47.42
CA VAL D 236 -20.02 2.21 46.18
C VAL D 236 -21.28 2.57 45.40
N LEU D 237 -21.20 2.42 44.08
CA LEU D 237 -22.31 2.72 43.18
C LEU D 237 -22.53 1.54 42.26
N ASP D 238 -23.73 0.93 42.33
CA ASP D 238 -24.15 -0.14 41.43
C ASP D 238 -25.37 0.35 40.67
N PRO D 239 -25.20 0.91 39.47
CA PRO D 239 -26.37 1.39 38.72
C PRO D 239 -27.38 0.30 38.40
N PHE D 240 -26.97 -0.98 38.46
CA PHE D 240 -27.82 -2.10 38.06
C PHE D 240 -27.63 -3.20 39.09
N MET D 241 -28.30 -3.06 40.23
CA MET D 241 -28.04 -3.95 41.37
C MET D 241 -28.71 -5.29 41.23
N GLY D 242 -29.88 -5.35 40.58
CA GLY D 242 -30.61 -6.61 40.46
C GLY D 242 -30.80 -7.31 41.79
N SER D 243 -30.24 -8.51 41.92
CA SER D 243 -30.36 -9.26 43.16
C SER D 243 -29.93 -8.43 44.36
N GLY D 244 -28.85 -7.66 44.21
CA GLY D 244 -28.28 -6.89 45.29
C GLY D 244 -27.02 -7.45 45.88
N THR D 245 -26.25 -8.23 45.12
CA THR D 245 -25.01 -8.80 45.63
C THR D 245 -24.09 -7.71 46.19
N THR D 246 -23.82 -6.68 45.39
CA THR D 246 -22.98 -5.58 45.85
C THR D 246 -23.51 -5.00 47.15
N ALA D 247 -24.84 -5.05 47.36
CA ALA D 247 -25.42 -4.55 48.59
C ALA D 247 -24.93 -5.35 49.80
N VAL D 248 -25.17 -6.67 49.77
CA VAL D 248 -24.72 -7.50 50.88
C VAL D 248 -23.22 -7.39 51.06
N ALA D 249 -22.47 -7.19 49.98
CA ALA D 249 -21.02 -7.00 50.12
C ALA D 249 -20.71 -5.74 50.93
N CYS D 250 -21.15 -4.58 50.43
CA CYS D 250 -20.88 -3.32 51.11
C CYS D 250 -21.40 -3.32 52.53
N ALA D 251 -22.44 -4.11 52.81
CA ALA D 251 -22.99 -4.17 54.16
C ALA D 251 -22.10 -5.02 55.07
N ARG D 252 -21.80 -6.24 54.65
CA ARG D 252 -20.99 -7.15 55.45
C ARG D 252 -19.55 -6.70 55.57
N GLN D 253 -19.11 -5.71 54.80
CA GLN D 253 -17.73 -5.24 54.86
C GLN D 253 -17.58 -3.81 55.35
N GLY D 254 -18.67 -3.10 55.62
CA GLY D 254 -18.59 -1.82 56.28
C GLY D 254 -18.43 -0.64 55.35
N ARG D 255 -19.14 -0.64 54.22
CA ARG D 255 -19.01 0.40 53.22
C ARG D 255 -20.40 0.90 52.81
N ASP D 256 -20.44 2.14 52.34
CA ASP D 256 -21.69 2.73 51.90
C ASP D 256 -22.02 2.25 50.49
N PHE D 257 -23.31 2.04 50.23
CA PHE D 257 -23.78 1.47 48.98
C PHE D 257 -24.91 2.30 48.41
N VAL D 258 -24.88 2.48 47.08
CA VAL D 258 -25.92 3.18 46.35
C VAL D 258 -26.20 2.37 45.08
N GLY D 259 -27.45 1.98 44.88
CA GLY D 259 -27.78 1.10 43.77
C GLY D 259 -29.10 1.40 43.09
N TYR D 260 -29.10 1.34 41.77
CA TYR D 260 -30.30 1.58 40.96
C TYR D 260 -30.79 0.29 40.32
N GLU D 261 -32.11 0.23 40.13
CA GLU D 261 -32.74 -0.94 39.55
C GLU D 261 -34.17 -0.60 39.19
N ILE D 262 -34.65 -1.17 38.08
CA ILE D 262 -35.99 -0.89 37.58
C ILE D 262 -36.97 -1.90 38.18
N ASN D 263 -36.86 -3.16 37.76
CA ASN D 263 -37.72 -4.24 38.25
C ASN D 263 -37.96 -4.11 39.75
N GLU D 264 -39.24 -4.12 40.14
CA GLU D 264 -39.59 -3.93 41.54
C GLU D 264 -39.16 -5.14 42.38
N SER D 265 -39.60 -6.34 42.00
CA SER D 265 -39.29 -7.53 42.78
C SER D 265 -37.79 -7.76 42.91
N TYR D 266 -36.98 -7.25 41.98
CA TYR D 266 -35.53 -7.32 42.14
C TYR D 266 -35.08 -6.47 43.33
N CYS D 267 -35.54 -5.22 43.39
CA CYS D 267 -35.32 -4.39 44.56
C CYS D 267 -35.76 -5.13 45.83
N ALA D 268 -36.92 -5.78 45.78
CA ALA D 268 -37.41 -6.53 46.93
C ALA D 268 -36.44 -7.63 47.33
N ILE D 269 -35.94 -8.38 46.34
CA ILE D 269 -34.96 -9.42 46.61
C ILE D 269 -33.75 -8.84 47.33
N ALA D 270 -33.28 -7.68 46.87
CA ALA D 270 -32.17 -7.03 47.54
C ALA D 270 -32.49 -6.74 49.00
N HIS D 271 -33.64 -6.11 49.26
CA HIS D 271 -33.99 -5.78 50.64
C HIS D 271 -33.97 -7.03 51.52
N GLU D 272 -34.63 -8.09 51.06
CA GLU D 272 -34.63 -9.33 51.84
C GLU D 272 -33.21 -9.83 52.08
N ARG D 273 -32.37 -9.77 51.04
CA ARG D 273 -30.99 -10.22 51.19
C ARG D 273 -30.28 -9.44 52.29
N VAL D 274 -30.58 -8.16 52.44
CA VAL D 274 -29.79 -7.27 53.29
C VAL D 274 -30.40 -7.11 54.68
N ASN D 275 -31.38 -7.91 55.05
CA ASN D 275 -31.99 -7.83 56.37
C ASN D 275 -31.47 -8.93 57.30
N ALA D 276 -30.15 -9.08 57.32
CA ALA D 276 -29.50 -10.05 58.21
C ALA D 276 -27.99 -9.79 58.26
C1 GLC M . 12.74 16.25 -45.98
C2 GLC M . 12.30 15.90 -47.41
C3 GLC M . 13.32 15.01 -48.10
C4 GLC M . 14.74 15.54 -47.91
C5 GLC M . 15.03 15.92 -46.46
C6 GLC M . 16.40 16.57 -46.38
O2 GLC M . 11.06 15.24 -47.39
O3 GLC M . 13.03 14.93 -49.47
O4 GLC M . 15.67 14.55 -48.31
O5 GLC M . 14.03 16.81 -45.99
O6 GLC M . 17.39 15.57 -46.33
C1 FRU M . 10.88 15.46 -43.71
C2 FRU M . 12.39 15.32 -43.85
C3 FRU M . 12.89 14.13 -43.05
C4 FRU M . 14.19 14.60 -42.43
C5 FRU M . 14.04 16.10 -42.36
C6 FRU M . 15.39 16.78 -42.56
O1 FRU M . 10.56 16.55 -42.87
O2 FRU M . 12.72 15.08 -45.20
O3 FRU M . 13.08 13.02 -43.89
O4 FRU M . 14.41 14.04 -41.16
O5 FRU M . 13.09 16.46 -43.37
O6 FRU M . 15.38 18.10 -42.07
N SFG N . -2.84 0.65 -35.79
CA SFG N . -2.84 -0.31 -36.88
C SFG N . -2.57 -1.71 -36.32
O SFG N . -2.53 -2.70 -37.11
OXT SFG N . -2.42 -1.88 -35.09
CB SFG N . -1.78 0.05 -37.92
CG SFG N . -2.37 0.96 -39.00
CD SFG N . -1.34 1.20 -40.10
NE SFG N . -0.18 1.84 -39.50
C5' SFG N . -1.88 2.11 -41.19
C4' SFG N . -3.00 1.45 -42.03
O4' SFG N . -3.61 2.37 -42.71
C3' SFG N . -2.45 0.50 -43.12
O3' SFG N . -2.76 -0.78 -42.80
C2' SFG N . -3.14 0.92 -44.44
O2' SFG N . -3.66 -0.29 -45.16
C1' SFG N . -4.14 1.68 -44.06
N9 SFG N . -4.50 2.73 -44.97
C8 SFG N . -3.75 3.48 -45.79
N7 SFG N . -4.53 4.34 -46.43
C5 SFG N . -5.79 4.16 -45.99
C6 SFG N . -6.97 4.77 -46.32
N6 SFG N . -7.29 5.85 -47.25
N1 SFG N . -8.10 4.38 -45.74
C2 SFG N . -8.08 3.39 -44.83
N3 SFG N . -6.92 2.79 -44.52
C4 SFG N . -5.77 3.17 -45.10
N SFG O . 22.50 24.01 -19.58
CA SFG O . 22.74 25.02 -18.58
C SFG O . 23.28 24.35 -17.33
O SFG O . 23.54 25.02 -16.30
OXT SFG O . 23.47 23.11 -17.32
CB SFG O . 21.45 25.79 -18.27
CG SFG O . 21.29 26.97 -19.24
CD SFG O . 19.91 27.60 -19.07
NE SFG O . 18.91 26.65 -19.53
C5' SFG O . 19.74 28.87 -19.91
C4' SFG O . 20.68 30.01 -19.45
O4' SFG O . 20.72 30.92 -20.38
C3' SFG O . 20.14 30.76 -18.20
O3' SFG O . 21.08 30.76 -17.24
C2' SFG O . 19.85 32.19 -18.67
O2' SFG O . 20.18 33.15 -17.57
C1' SFG O . 20.68 32.37 -19.67
N9 SFG O . 20.28 33.34 -20.67
C8 SFG O . 19.06 33.77 -21.02
N7 SFG O . 19.21 34.66 -22.01
C5 SFG O . 20.52 34.78 -22.27
C6 SFG O . 21.21 35.55 -23.17
N6 SFG O . 20.77 36.51 -24.17
N1 SFG O . 22.53 35.48 -23.23
C2 SFG O . 23.21 34.65 -22.40
N3 SFG O . 22.52 33.90 -21.50
C4 SFG O . 21.18 33.96 -21.45
N SFG P . 5.08 -18.53 18.85
CA SFG P . 6.53 -18.62 18.82
C SFG P . 6.97 -19.70 19.81
O SFG P . 8.20 -19.82 20.08
OXT SFG P . 6.13 -20.45 20.36
CB SFG P . 7.18 -17.29 19.16
CG SFG P . 6.72 -16.18 18.22
CD SFG P . 7.10 -14.84 18.86
NE SFG P . 6.01 -14.45 19.73
C5' SFG P . 7.31 -13.75 17.81
C4' SFG P . 8.58 -14.01 16.95
O4' SFG P . 8.40 -13.45 15.78
C3' SFG P . 9.85 -13.35 17.54
O3' SFG P . 10.85 -14.26 17.61
C2' SFG P . 10.22 -12.22 16.57
O2' SFG P . 11.71 -12.11 16.45
C1' SFG P . 9.71 -12.57 15.41
N9 SFG P . 9.34 -11.46 14.55
C8 SFG P . 9.05 -10.20 14.85
N7 SFG P . 8.77 -9.54 13.73
C5 SFG P . 8.87 -10.40 12.71
C6 SFG P . 8.68 -10.26 11.36
N6 SFG P . 8.30 -9.11 10.56
N1 SFG P . 8.85 -11.29 10.55
C2 SFG P . 9.20 -12.49 11.06
N3 SFG P . 9.39 -12.64 12.39
C4 SFG P . 9.22 -11.59 13.22
N SFG Q . -25.20 -8.19 38.78
CA SFG Q . -26.59 -8.07 39.14
C SFG Q . -26.94 -9.09 40.22
O SFG Q . -28.13 -9.45 40.39
OXT SFG Q . -26.02 -9.58 40.94
CB SFG Q . -27.48 -8.25 37.91
CG SFG Q . -27.18 -7.13 36.92
CD SFG Q . -28.18 -7.18 35.76
NE SFG Q . -27.51 -7.69 34.58
C5' SFG Q . -28.71 -5.77 35.48
C4' SFG Q . -29.92 -5.49 36.42
O4' SFG Q . -30.14 -4.21 36.49
C3' SFG Q . -31.19 -6.14 35.85
O3' SFG Q . -31.85 -6.80 36.85
C2' SFG Q . -32.05 -4.99 35.31
O2' SFG Q . -33.47 -5.17 35.78
C1' SFG Q . -31.57 -3.87 35.81
N9 SFG Q . -31.38 -2.81 34.84
C8 SFG Q . -31.07 -2.87 33.53
N7 SFG Q . -30.99 -1.63 33.05
C5 SFG Q . -31.25 -0.78 34.06
C6 SFG Q . -31.30 0.59 34.12
N6 SFG Q . -31.09 1.61 33.11
N1 SFG Q . -31.58 1.20 35.26
C2 SFG Q . -31.82 0.46 36.37
N3 SFG Q . -31.77 -0.89 36.32
C4 SFG Q . -31.48 -1.51 35.16
#